data_7ZG8
#
_entry.id   7ZG8
#
_cell.length_a   121.249
_cell.length_b   151.030
_cell.length_c   177.369
_cell.angle_alpha   90.000
_cell.angle_beta   90.000
_cell.angle_gamma   90.000
#
_symmetry.space_group_name_H-M   'I 2 2 2'
#
loop_
_entity.id
_entity.type
_entity.pdbx_description
1 polymer 'Peptidoglycan D,D-transpeptidase MrdA'
2 non-polymer 'ZINC ION'
3 water water
#
_entity_poly.entity_id   1
_entity_poly.type   'polypeptide(L)'
_entity_poly.pdbx_seq_one_letter_code
;MAHHHHHHSAALEVLFQGPGYQASDKNRIRLQPLPPARGYIYDRNGVLLADNYPVFTATLSKADVENVDTVIEQLQPILE
LTQEDVDRFKSRIKTARKTERVAIKLNLTETNIAKFSEVKYKFPGVRIETQMTRYYPHGDLFAHVIGYVGRINDKELKSI
DKDLYAGTNLIGKIGVEKSYEDLLHGTPGYESVEADAHSNILRHLGRKDPTRGNDLYLSLDYGLQVVASQQLAGRRGAIV
AIDPRTGEILALVSSPSFNPNLFVTGINHKDYSSLRDNIDQPLYNRAVQGVYPPGSTIKPMEAMGGLHYGIVDWATAISD
PGYFHLPGDSHKFRDWKKTGHGIVNMHKAIIMSCDTYFYILANQMGIDQMNQWMRQFGFGQKTGVDLPSESEGLYPNPEW
KMRTRKSKWMKGETISVSIGQGAFTATPLQLAMATAITANHGSHVVPHVLRATHGAKPFTVRNAPDGKINFNGTDEDWVK
MREAMIDVIQSGTGRGIRTPLYQIAGKTGTAQVKSIAQGKRYNEAALSERQLDHGLFVGFAPADKPEIAIAVIWENGRHG
GSAAQLAKPVFDYWLLTRKKNPIRPANHQVNGGLMTAGIKPGELPSGNESASSTPATSAPTSAAASTPQATPTRPATNEV
DE
;
_entity_poly.pdbx_strand_id   AAA,BBB
#
loop_
_chem_comp.id
_chem_comp.type
_chem_comp.name
_chem_comp.formula
ZN non-polymer 'ZINC ION' 'Zn 2'
#
# COMPACT_ATOMS: atom_id res chain seq x y z
N GLN A 32 22.30 -17.34 29.08
CA GLN A 32 20.93 -17.92 29.36
C GLN A 32 19.84 -17.11 28.66
N PRO A 33 19.20 -17.59 27.58
CA PRO A 33 18.03 -16.91 27.01
C PRO A 33 16.78 -17.05 27.89
N LEU A 34 15.96 -16.01 27.93
CA LEU A 34 14.61 -16.00 28.55
C LEU A 34 13.60 -15.69 27.44
N PRO A 35 12.85 -16.68 26.88
CA PRO A 35 12.03 -16.41 25.71
C PRO A 35 10.87 -15.51 26.14
N PRO A 36 10.31 -14.70 25.21
CA PRO A 36 9.27 -13.73 25.57
C PRO A 36 7.89 -14.40 25.62
N ALA A 37 7.01 -13.89 26.48
CA ALA A 37 5.57 -14.27 26.51
C ALA A 37 4.92 -13.79 25.20
N ARG A 38 4.21 -14.65 24.48
CA ARG A 38 3.39 -14.23 23.30
C ARG A 38 2.32 -13.23 23.76
N GLY A 39 2.06 -12.20 22.95
CA GLY A 39 1.05 -11.18 23.24
C GLY A 39 -0.34 -11.76 23.11
N TYR A 40 -1.28 -11.23 23.88
CA TYR A 40 -2.69 -11.68 23.87
C TYR A 40 -3.36 -11.08 22.62
N ILE A 41 -4.47 -11.68 22.19
CA ILE A 41 -5.31 -11.11 21.10
C ILE A 41 -6.69 -10.86 21.71
N TYR A 42 -7.17 -9.63 21.65
CA TYR A 42 -8.51 -9.23 22.14
C TYR A 42 -9.43 -8.83 20.96
N ASP A 43 -10.68 -8.52 21.26
CA ASP A 43 -11.66 -7.95 20.30
C ASP A 43 -11.68 -6.44 20.51
N ARG A 44 -12.52 -5.74 19.76
CA ARG A 44 -12.69 -4.27 19.84
C ARG A 44 -13.16 -3.81 21.23
N ASN A 45 -13.76 -4.68 22.04
CA ASN A 45 -14.33 -4.37 23.37
C ASN A 45 -13.43 -4.87 24.50
N GLY A 46 -12.33 -5.57 24.19
CA GLY A 46 -11.40 -6.17 25.17
C GLY A 46 -11.76 -7.59 25.59
N VAL A 47 -12.66 -8.26 24.85
CA VAL A 47 -12.98 -9.71 25.06
C VAL A 47 -11.76 -10.53 24.64
N LEU A 48 -11.26 -11.38 25.52
CA LEU A 48 -10.03 -12.17 25.25
C LEU A 48 -10.36 -13.28 24.25
N LEU A 49 -9.54 -13.39 23.19
CA LEU A 49 -9.70 -14.39 22.10
C LEU A 49 -8.47 -15.30 21.98
N ALA A 50 -7.32 -14.90 22.50
CA ALA A 50 -6.13 -15.78 22.59
C ALA A 50 -5.28 -15.31 23.76
N ASP A 51 -4.92 -16.24 24.65
CA ASP A 51 -3.98 -16.02 25.80
C ASP A 51 -2.99 -17.19 25.88
N ASN A 52 -2.18 -17.16 26.93
CA ASN A 52 -1.27 -18.26 27.31
C ASN A 52 -1.70 -18.78 28.67
N TYR A 53 -1.57 -20.09 28.89
CA TYR A 53 -1.70 -20.74 30.22
C TYR A 53 -0.47 -21.63 30.42
N PRO A 54 -0.02 -21.83 31.68
CA PRO A 54 1.15 -22.67 31.94
C PRO A 54 0.80 -24.16 31.82
N VAL A 55 1.77 -24.95 31.33
CA VAL A 55 1.75 -26.43 31.19
C VAL A 55 3.09 -26.98 31.66
N PHE A 56 3.19 -28.31 31.80
CA PHE A 56 4.47 -29.01 32.10
C PHE A 56 5.13 -29.41 30.79
N THR A 57 6.42 -29.11 30.67
CA THR A 57 7.24 -29.36 29.46
C THR A 57 8.54 -30.04 29.88
N ALA A 58 8.89 -31.13 29.18
CA ALA A 58 10.16 -31.86 29.30
C ALA A 58 11.24 -31.18 28.44
N THR A 59 12.19 -30.49 29.07
CA THR A 59 13.36 -29.85 28.42
C THR A 59 14.61 -30.70 28.69
N LEU A 60 15.68 -30.45 27.94
CA LEU A 60 17.06 -30.80 28.36
C LEU A 60 18.02 -29.79 27.71
N SER A 61 19.04 -29.39 28.47
CA SER A 61 20.10 -28.43 28.08
C SER A 61 21.34 -29.20 27.59
N LYS A 62 22.10 -28.63 26.66
CA LYS A 62 23.37 -29.20 26.11
C LYS A 62 24.48 -29.11 27.19
N ALA A 63 24.47 -28.04 28.00
CA ALA A 63 25.35 -27.83 29.18
C ALA A 63 25.11 -28.91 30.24
N ASP A 64 23.86 -29.36 30.41
CA ASP A 64 23.42 -30.31 31.48
C ASP A 64 23.50 -31.77 31.02
N VAL A 65 23.59 -32.07 29.71
CA VAL A 65 23.56 -33.47 29.17
C VAL A 65 24.72 -33.69 28.18
N GLU A 66 25.65 -34.56 28.52
CA GLU A 66 26.56 -35.28 27.57
C GLU A 66 25.77 -36.43 26.92
N ASN A 67 26.15 -36.81 25.69
CA ASN A 67 25.62 -37.98 24.93
C ASN A 67 24.10 -37.85 24.82
N VAL A 68 23.64 -36.77 24.18
CA VAL A 68 22.22 -36.30 24.14
C VAL A 68 21.39 -37.23 23.25
N ASP A 69 22.01 -37.87 22.25
CA ASP A 69 21.36 -38.74 21.23
C ASP A 69 20.82 -40.02 21.89
N THR A 70 21.64 -40.64 22.76
CA THR A 70 21.28 -41.88 23.50
C THR A 70 20.08 -41.60 24.43
N VAL A 71 20.16 -40.48 25.19
CA VAL A 71 19.17 -40.01 26.21
C VAL A 71 17.75 -39.94 25.63
N ILE A 72 17.59 -39.43 24.39
CA ILE A 72 16.27 -39.29 23.71
C ILE A 72 15.69 -40.69 23.45
N GLU A 73 16.51 -41.64 22.98
CA GLU A 73 16.06 -43.03 22.68
C GLU A 73 15.51 -43.67 23.97
N GLN A 74 16.07 -43.35 25.15
CA GLN A 74 15.61 -43.83 26.47
C GLN A 74 14.26 -43.19 26.83
N LEU A 75 14.14 -41.86 26.66
CA LEU A 75 12.94 -41.05 27.02
C LEU A 75 11.75 -41.32 26.08
N GLN A 76 11.95 -41.98 24.94
CA GLN A 76 10.90 -42.24 23.92
C GLN A 76 9.70 -42.93 24.57
N PRO A 77 9.79 -44.19 25.08
CA PRO A 77 8.63 -44.86 25.66
C PRO A 77 8.12 -44.28 26.99
N ILE A 78 9.01 -43.64 27.76
CA ILE A 78 8.70 -42.97 29.07
C ILE A 78 7.68 -41.84 28.84
N LEU A 79 7.93 -40.98 27.83
CA LEU A 79 7.12 -39.78 27.52
C LEU A 79 6.18 -40.00 26.33
N GLU A 80 6.03 -41.24 25.82
CA GLU A 80 5.15 -41.58 24.66
C GLU A 80 5.52 -40.70 23.45
N LEU A 81 6.81 -40.41 23.23
CA LEU A 81 7.29 -39.56 22.11
C LEU A 81 7.03 -40.32 20.81
N THR A 82 6.61 -39.59 19.76
CA THR A 82 6.38 -40.06 18.37
C THR A 82 7.63 -39.72 17.55
N GLN A 83 7.80 -40.29 16.36
CA GLN A 83 8.98 -40.01 15.48
C GLN A 83 9.05 -38.51 15.15
N GLU A 84 7.90 -37.83 15.05
CA GLU A 84 7.81 -36.36 14.85
C GLU A 84 8.48 -35.62 16.03
N ASP A 85 7.98 -35.83 17.26
CA ASP A 85 8.45 -35.18 18.52
C ASP A 85 9.98 -35.32 18.66
N VAL A 86 10.50 -36.51 18.29
CA VAL A 86 11.95 -36.89 18.35
C VAL A 86 12.74 -35.99 17.40
N ASP A 87 12.60 -36.18 16.09
CA ASP A 87 13.38 -35.54 15.00
C ASP A 87 13.54 -34.03 15.29
N ARG A 88 12.41 -33.40 15.66
CA ARG A 88 12.27 -31.96 15.99
C ARG A 88 13.26 -31.55 17.09
N PHE A 89 13.43 -32.39 18.12
CA PHE A 89 14.35 -32.12 19.26
C PHE A 89 15.79 -32.05 18.74
N LYS A 90 16.22 -33.06 17.99
CA LYS A 90 17.62 -33.15 17.46
C LYS A 90 17.88 -31.97 16.51
N SER A 91 16.88 -31.64 15.67
CA SER A 91 16.90 -30.46 14.75
C SER A 91 17.30 -29.23 15.54
N ARG A 92 16.55 -28.88 16.59
CA ARG A 92 16.80 -27.64 17.37
C ARG A 92 18.13 -27.76 18.14
N ILE A 93 18.42 -28.89 18.83
CA ILE A 93 19.59 -29.02 19.78
C ILE A 93 20.92 -28.80 19.04
N LYS A 94 21.01 -29.22 17.77
CA LYS A 94 22.15 -28.94 16.86
C LYS A 94 22.29 -27.42 16.72
N THR A 95 21.23 -26.74 16.27
CA THR A 95 21.19 -25.28 15.94
C THR A 95 21.02 -24.40 17.19
N ALA A 96 21.26 -24.92 18.40
CA ALA A 96 20.89 -24.29 19.69
C ALA A 96 22.15 -24.11 20.54
N ARG A 97 22.06 -23.25 21.57
CA ARG A 97 23.18 -22.89 22.47
C ARG A 97 23.22 -23.90 23.62
N LYS A 98 24.04 -23.63 24.65
CA LYS A 98 24.15 -24.46 25.88
C LYS A 98 22.98 -24.15 26.81
N THR A 99 22.96 -22.97 27.44
CA THR A 99 21.88 -22.53 28.38
C THR A 99 20.49 -22.64 27.73
N GLU A 100 20.42 -22.75 26.38
CA GLU A 100 19.20 -23.14 25.61
C GLU A 100 18.49 -24.33 26.27
N ARG A 101 17.19 -24.17 26.52
CA ARG A 101 16.25 -25.21 27.03
C ARG A 101 15.40 -25.72 25.86
N VAL A 102 15.89 -26.76 25.18
CA VAL A 102 15.24 -27.39 23.99
C VAL A 102 14.14 -28.34 24.48
N ALA A 103 12.89 -28.08 24.11
CA ALA A 103 11.71 -28.88 24.56
C ALA A 103 11.73 -30.24 23.85
N ILE A 104 11.44 -31.31 24.59
CA ILE A 104 11.45 -32.73 24.11
C ILE A 104 9.99 -33.12 23.85
N LYS A 105 9.12 -32.85 24.83
CA LYS A 105 7.64 -32.90 24.67
C LYS A 105 7.06 -31.69 25.39
N LEU A 106 5.99 -31.14 24.82
CA LEU A 106 5.28 -29.94 25.32
C LEU A 106 3.91 -30.38 25.85
N ASN A 107 3.43 -29.68 26.88
CA ASN A 107 2.12 -29.91 27.52
C ASN A 107 1.98 -31.41 27.80
N LEU A 108 2.79 -31.89 28.76
CA LEU A 108 2.88 -33.32 29.16
C LEU A 108 1.55 -33.74 29.78
N THR A 109 1.12 -34.98 29.50
CA THR A 109 -0.08 -35.62 30.11
C THR A 109 0.28 -36.04 31.54
N GLU A 110 -0.73 -36.22 32.40
CA GLU A 110 -0.52 -36.64 33.82
C GLU A 110 0.24 -37.97 33.85
N THR A 111 -0.02 -38.86 32.89
CA THR A 111 0.73 -40.14 32.71
C THR A 111 2.21 -39.86 32.40
N ASN A 112 2.52 -38.96 31.47
CA ASN A 112 3.93 -38.68 31.08
C ASN A 112 4.71 -38.18 32.29
N ILE A 113 4.06 -37.31 33.09
CA ILE A 113 4.63 -36.69 34.33
C ILE A 113 4.95 -37.81 35.31
N ALA A 114 4.01 -38.74 35.52
CA ALA A 114 4.11 -39.90 36.43
C ALA A 114 5.24 -40.83 35.98
N LYS A 115 5.19 -41.29 34.73
CA LYS A 115 6.19 -42.25 34.17
C LYS A 115 7.60 -41.64 34.24
N PHE A 116 7.74 -40.35 33.97
CA PHE A 116 9.06 -39.66 34.07
C PHE A 116 9.47 -39.56 35.55
N SER A 117 8.55 -39.09 36.40
CA SER A 117 8.73 -38.92 37.86
C SER A 117 9.32 -40.19 38.50
N GLU A 118 8.84 -41.39 38.11
CA GLU A 118 9.33 -42.71 38.60
C GLU A 118 10.83 -42.87 38.40
N VAL A 119 11.37 -42.39 37.27
CA VAL A 119 12.78 -42.59 36.83
C VAL A 119 13.51 -41.24 36.75
N LYS A 120 13.04 -40.23 37.50
CA LYS A 120 13.46 -38.80 37.42
C LYS A 120 14.97 -38.68 37.61
N TYR A 121 15.51 -39.26 38.69
CA TYR A 121 16.93 -39.12 39.08
C TYR A 121 17.83 -40.03 38.22
N LYS A 122 17.28 -40.90 37.35
CA LYS A 122 18.06 -41.65 36.32
C LYS A 122 18.33 -40.77 35.09
N PHE A 123 17.84 -39.52 35.07
CA PHE A 123 18.10 -38.47 34.05
C PHE A 123 18.35 -37.13 34.74
N PRO A 124 19.57 -36.86 35.26
CA PRO A 124 19.91 -35.54 35.76
C PRO A 124 20.06 -34.58 34.57
N GLY A 125 19.59 -33.33 34.71
CA GLY A 125 19.67 -32.30 33.67
C GLY A 125 18.45 -32.26 32.76
N VAL A 126 17.82 -33.41 32.48
CA VAL A 126 16.47 -33.51 31.85
C VAL A 126 15.46 -33.04 32.90
N ARG A 127 14.90 -31.83 32.75
CA ARG A 127 13.98 -31.20 33.74
C ARG A 127 12.55 -31.30 33.20
N ILE A 128 11.59 -31.33 34.13
CA ILE A 128 10.17 -30.94 33.88
C ILE A 128 10.04 -29.46 34.28
N GLU A 129 9.68 -28.60 33.32
CA GLU A 129 9.67 -27.13 33.47
C GLU A 129 8.28 -26.58 33.15
N THR A 130 7.91 -25.52 33.88
CA THR A 130 6.68 -24.72 33.69
C THR A 130 6.91 -23.74 32.53
N GLN A 131 6.30 -24.01 31.36
CA GLN A 131 6.35 -23.16 30.14
C GLN A 131 4.90 -22.85 29.73
N MET A 132 4.71 -21.81 28.92
CA MET A 132 3.38 -21.28 28.53
C MET A 132 2.94 -21.92 27.19
N THR A 133 1.74 -22.48 27.13
CA THR A 133 1.07 -22.95 25.87
C THR A 133 0.11 -21.84 25.41
N ARG A 134 -0.39 -21.94 24.17
CA ARG A 134 -1.38 -21.00 23.57
C ARG A 134 -2.77 -21.62 23.71
N TYR A 135 -3.76 -20.79 24.09
CA TYR A 135 -5.18 -21.19 24.23
C TYR A 135 -6.07 -20.21 23.46
N TYR A 136 -7.10 -20.74 22.80
CA TYR A 136 -8.17 -19.98 22.09
C TYR A 136 -9.48 -20.20 22.85
N PRO A 137 -9.81 -19.34 23.85
CA PRO A 137 -11.07 -19.45 24.60
C PRO A 137 -12.38 -19.60 23.82
N HIS A 138 -12.43 -19.13 22.58
CA HIS A 138 -13.61 -19.26 21.67
C HIS A 138 -13.14 -19.83 20.33
N GLY A 139 -12.41 -20.94 20.37
CA GLY A 139 -11.72 -21.58 19.23
C GLY A 139 -12.44 -21.47 17.91
N ASP A 140 -13.54 -22.21 17.73
CA ASP A 140 -14.26 -22.31 16.43
C ASP A 140 -14.72 -20.93 15.96
N LEU A 141 -15.16 -20.07 16.90
CA LEU A 141 -15.77 -18.75 16.58
C LEU A 141 -14.79 -17.88 15.78
N PHE A 142 -13.50 -17.86 16.12
CA PHE A 142 -12.46 -16.98 15.52
C PHE A 142 -11.34 -17.80 14.88
N ALA A 143 -11.53 -19.08 14.61
CA ALA A 143 -10.50 -19.96 14.01
C ALA A 143 -10.04 -19.37 12.68
N HIS A 144 -10.98 -18.97 11.82
CA HIS A 144 -10.72 -18.49 10.44
C HIS A 144 -10.18 -17.04 10.42
N VAL A 145 -10.06 -16.38 11.57
CA VAL A 145 -9.45 -15.03 11.71
C VAL A 145 -8.11 -15.17 12.41
N ILE A 146 -8.11 -15.68 13.64
CA ILE A 146 -6.91 -15.75 14.52
C ILE A 146 -5.99 -16.88 14.06
N GLY A 147 -6.58 -18.01 13.64
CA GLY A 147 -5.82 -19.19 13.21
C GLY A 147 -5.24 -19.90 14.41
N TYR A 148 -4.08 -20.50 14.25
CA TYR A 148 -3.38 -21.26 15.30
C TYR A 148 -1.87 -21.02 15.22
N VAL A 149 -1.21 -21.12 16.37
CA VAL A 149 0.26 -21.40 16.49
C VAL A 149 0.45 -22.92 16.41
N GLY A 150 1.69 -23.35 16.15
CA GLY A 150 2.07 -24.77 16.10
C GLY A 150 3.55 -24.89 16.43
N ARG A 151 4.09 -26.12 16.49
CA ARG A 151 5.52 -26.33 16.87
C ARG A 151 6.39 -25.84 15.70
N ILE A 152 7.55 -25.24 15.98
CA ILE A 152 8.47 -24.67 14.93
C ILE A 152 9.08 -25.84 14.16
N ASN A 153 8.69 -26.05 12.90
CA ASN A 153 9.22 -27.16 12.05
C ASN A 153 10.59 -26.73 11.49
N ASP A 154 11.18 -27.57 10.64
CA ASP A 154 12.59 -27.46 10.13
C ASP A 154 12.72 -26.32 9.11
N LYS A 155 11.75 -26.23 8.19
CA LYS A 155 11.67 -25.17 7.14
C LYS A 155 11.70 -23.79 7.81
N GLU A 156 10.85 -23.59 8.81
CA GLU A 156 10.75 -22.33 9.58
C GLU A 156 12.08 -22.03 10.26
N LEU A 157 12.73 -23.03 10.85
CA LEU A 157 14.02 -22.88 11.57
C LEU A 157 15.11 -22.25 10.68
N LYS A 158 15.16 -22.63 9.40
CA LYS A 158 16.17 -22.15 8.42
C LYS A 158 15.83 -20.75 7.87
N SER A 159 14.68 -20.15 8.21
CA SER A 159 14.25 -18.79 7.77
C SER A 159 14.24 -17.78 8.93
N ILE A 160 14.59 -18.22 10.14
CA ILE A 160 14.25 -17.53 11.42
C ILE A 160 15.55 -17.11 12.09
N ASP A 161 15.56 -15.92 12.70
CA ASP A 161 16.69 -15.44 13.55
C ASP A 161 16.74 -16.31 14.81
N LYS A 162 17.69 -17.26 14.88
CA LYS A 162 17.79 -18.28 15.96
C LYS A 162 17.91 -17.61 17.33
N ASP A 163 18.61 -16.48 17.43
CA ASP A 163 18.82 -15.70 18.68
C ASP A 163 17.49 -15.11 19.18
N LEU A 164 16.62 -14.68 18.26
CA LEU A 164 15.29 -14.10 18.60
C LEU A 164 14.36 -15.22 19.08
N TYR A 165 14.29 -16.31 18.31
CA TYR A 165 13.43 -17.52 18.58
C TYR A 165 14.18 -18.59 19.40
N ALA A 166 15.29 -18.22 20.07
CA ALA A 166 15.95 -18.99 21.14
C ALA A 166 14.95 -19.30 22.27
N GLY A 167 14.58 -20.58 22.43
CA GLY A 167 13.74 -21.08 23.53
C GLY A 167 12.25 -20.81 23.33
N THR A 168 11.85 -20.09 22.28
CA THR A 168 10.46 -20.04 21.76
C THR A 168 10.16 -21.38 21.07
N ASN A 169 9.11 -22.09 21.50
CA ASN A 169 8.70 -23.42 20.96
C ASN A 169 7.58 -23.28 19.92
N LEU A 170 6.68 -22.31 20.11
CA LEU A 170 5.48 -22.09 19.25
C LEU A 170 5.67 -20.88 18.32
N ILE A 171 5.20 -21.03 17.07
CA ILE A 171 5.18 -19.96 16.02
C ILE A 171 3.81 -19.97 15.33
N GLY A 172 3.34 -18.79 14.89
CA GLY A 172 2.09 -18.65 14.10
C GLY A 172 2.15 -19.44 12.81
N LYS A 173 1.04 -20.09 12.43
CA LYS A 173 0.95 -20.97 11.23
C LYS A 173 0.00 -20.37 10.20
N ILE A 174 -1.19 -19.95 10.63
CA ILE A 174 -2.22 -19.29 9.78
C ILE A 174 -2.91 -18.20 10.60
N GLY A 175 -3.74 -17.39 9.93
CA GLY A 175 -4.55 -16.31 10.54
C GLY A 175 -3.69 -15.20 11.13
N VAL A 176 -4.31 -14.39 12.00
CA VAL A 176 -3.65 -13.27 12.72
C VAL A 176 -2.34 -13.79 13.31
N GLU A 177 -2.31 -15.01 13.86
CA GLU A 177 -1.13 -15.62 14.53
C GLU A 177 0.06 -15.66 13.57
N LYS A 178 -0.15 -15.95 12.28
CA LYS A 178 0.96 -15.88 11.28
C LYS A 178 1.17 -14.43 10.83
N SER A 179 0.11 -13.76 10.37
CA SER A 179 0.22 -12.43 9.71
C SER A 179 0.83 -11.42 10.69
N TYR A 180 0.63 -11.56 12.01
CA TYR A 180 1.22 -10.68 13.05
C TYR A 180 2.18 -11.46 13.98
N GLU A 181 2.87 -12.48 13.47
CA GLU A 181 3.85 -13.30 14.22
C GLU A 181 4.85 -12.35 14.92
N ASP A 182 5.54 -11.50 14.18
CA ASP A 182 6.58 -10.60 14.72
C ASP A 182 5.98 -9.73 15.81
N LEU A 183 4.81 -9.12 15.57
CA LEU A 183 4.24 -8.15 16.54
C LEU A 183 3.85 -8.90 17.82
N LEU A 184 3.32 -10.12 17.69
CA LEU A 184 2.89 -10.99 18.82
C LEU A 184 4.08 -11.67 19.53
N HIS A 185 5.19 -11.94 18.85
CA HIS A 185 6.29 -12.79 19.37
C HIS A 185 6.92 -12.23 20.64
N GLY A 186 7.31 -10.96 20.63
CA GLY A 186 8.08 -10.28 21.69
C GLY A 186 9.57 -10.33 21.39
N THR A 187 10.39 -9.86 22.34
CA THR A 187 11.88 -9.87 22.29
C THR A 187 12.44 -10.65 23.48
N PRO A 188 13.38 -11.61 23.27
CA PRO A 188 13.96 -12.37 24.38
C PRO A 188 14.95 -11.54 25.22
N GLY A 189 15.20 -12.01 26.44
CA GLY A 189 16.11 -11.41 27.44
C GLY A 189 17.18 -12.40 27.89
N TYR A 190 17.83 -12.14 29.04
CA TYR A 190 18.79 -13.08 29.67
C TYR A 190 18.98 -12.83 31.18
N GLU A 191 19.53 -13.85 31.85
CA GLU A 191 20.05 -13.88 33.25
C GLU A 191 21.49 -14.42 33.21
N SER A 192 22.38 -14.00 34.12
CA SER A 192 23.79 -14.50 34.23
C SER A 192 23.87 -15.61 35.27
N ASP A 209 16.34 -9.18 30.70
CA ASP A 209 14.88 -9.15 31.06
C ASP A 209 14.06 -9.15 29.77
N PRO A 210 13.19 -10.17 29.49
CA PRO A 210 12.54 -10.31 28.19
C PRO A 210 11.40 -9.30 28.01
N THR A 211 11.08 -8.99 26.75
CA THR A 211 10.01 -8.02 26.38
C THR A 211 8.83 -8.82 25.83
N ARG A 212 7.66 -8.70 26.46
CA ARG A 212 6.44 -9.48 26.07
C ARG A 212 6.06 -9.08 24.64
N GLY A 213 5.48 -10.02 23.88
CA GLY A 213 4.78 -9.70 22.62
C GLY A 213 3.77 -8.58 22.80
N ASN A 214 3.49 -7.85 21.72
CA ASN A 214 2.48 -6.76 21.77
C ASN A 214 1.11 -7.42 21.79
N ASP A 215 0.18 -6.86 22.57
CA ASP A 215 -1.25 -7.23 22.49
C ASP A 215 -1.85 -6.63 21.21
N LEU A 216 -2.73 -7.38 20.54
CA LEU A 216 -3.56 -6.93 19.39
C LEU A 216 -4.99 -6.81 19.87
N TYR A 217 -5.63 -5.67 19.62
CA TYR A 217 -7.10 -5.54 19.68
C TYR A 217 -7.60 -5.62 18.24
N LEU A 218 -8.29 -6.71 17.88
CA LEU A 218 -8.90 -6.82 16.53
C LEU A 218 -10.07 -5.84 16.43
N SER A 219 -10.42 -5.52 15.19
CA SER A 219 -11.63 -4.73 14.84
C SER A 219 -12.88 -5.61 14.96
N LEU A 220 -12.72 -6.94 14.94
CA LEU A 220 -13.87 -7.88 15.02
C LEU A 220 -14.56 -7.70 16.38
N ASP A 221 -15.88 -7.92 16.41
CA ASP A 221 -16.77 -7.78 17.60
C ASP A 221 -17.25 -9.18 17.98
N TYR A 222 -16.99 -9.62 19.22
CA TYR A 222 -17.41 -10.93 19.75
C TYR A 222 -18.87 -11.21 19.38
N GLY A 223 -19.76 -10.31 19.82
CA GLY A 223 -21.22 -10.43 19.62
C GLY A 223 -21.59 -10.60 18.17
N LEU A 224 -21.08 -9.73 17.30
CA LEU A 224 -21.40 -9.79 15.85
C LEU A 224 -20.90 -11.12 15.27
N GLN A 225 -19.71 -11.56 15.67
CA GLN A 225 -19.11 -12.83 15.17
C GLN A 225 -20.02 -14.01 15.56
N VAL A 226 -20.54 -14.00 16.80
CA VAL A 226 -21.47 -15.04 17.31
C VAL A 226 -22.68 -15.10 16.38
N VAL A 227 -23.36 -13.96 16.21
CA VAL A 227 -24.64 -13.86 15.44
C VAL A 227 -24.39 -14.33 14.01
N ALA A 228 -23.35 -13.83 13.36
CA ALA A 228 -22.98 -14.22 11.98
C ALA A 228 -22.73 -15.73 11.90
N SER A 229 -22.02 -16.31 12.88
CA SER A 229 -21.70 -17.76 12.95
C SER A 229 -22.98 -18.57 13.12
N GLN A 230 -23.87 -18.11 14.00
CA GLN A 230 -25.20 -18.72 14.23
C GLN A 230 -25.94 -18.88 12.91
N GLN A 231 -25.90 -17.88 12.03
CA GLN A 231 -26.68 -17.87 10.76
C GLN A 231 -26.14 -18.93 9.81
N LEU A 232 -24.86 -19.27 9.86
CA LEU A 232 -24.27 -20.28 8.94
C LEU A 232 -24.08 -21.63 9.66
N ALA A 233 -24.61 -21.77 10.89
CA ALA A 233 -24.69 -23.04 11.67
C ALA A 233 -25.29 -24.15 10.79
N GLY A 234 -24.50 -25.20 10.56
CA GLY A 234 -24.89 -26.38 9.76
C GLY A 234 -25.07 -26.04 8.29
N ARG A 235 -24.47 -24.94 7.83
CA ARG A 235 -24.54 -24.49 6.41
C ARG A 235 -23.11 -24.22 5.94
N ARG A 236 -22.80 -24.47 4.67
CA ARG A 236 -21.54 -24.00 4.04
C ARG A 236 -21.72 -22.56 3.56
N GLY A 237 -20.68 -21.74 3.67
CA GLY A 237 -20.64 -20.37 3.14
C GLY A 237 -19.78 -19.44 3.97
N ALA A 238 -20.01 -18.14 3.84
CA ALA A 238 -19.16 -17.09 4.43
C ALA A 238 -19.98 -15.82 4.64
N ILE A 239 -19.68 -15.09 5.72
CA ILE A 239 -20.21 -13.74 6.03
C ILE A 239 -19.03 -12.87 6.42
N VAL A 240 -18.83 -11.76 5.71
CA VAL A 240 -17.87 -10.67 6.07
C VAL A 240 -18.69 -9.41 6.34
N ALA A 241 -18.47 -8.74 7.48
CA ALA A 241 -18.99 -7.38 7.76
C ALA A 241 -17.78 -6.43 7.81
N ILE A 242 -17.90 -5.25 7.18
CA ILE A 242 -16.86 -4.19 7.15
C ILE A 242 -17.49 -2.88 7.61
N ASP A 243 -16.79 -2.08 8.42
CA ASP A 243 -17.12 -0.66 8.65
C ASP A 243 -16.75 0.10 7.38
N PRO A 244 -17.71 0.62 6.58
CA PRO A 244 -17.37 1.31 5.34
C PRO A 244 -16.56 2.61 5.55
N ARG A 245 -16.68 3.22 6.72
CA ARG A 245 -15.93 4.45 7.08
C ARG A 245 -14.43 4.17 7.21
N THR A 246 -14.01 2.93 7.49
CA THR A 246 -12.59 2.63 7.82
C THR A 246 -12.02 1.43 7.06
N GLY A 247 -12.81 0.42 6.72
CA GLY A 247 -12.30 -0.86 6.19
C GLY A 247 -12.04 -1.88 7.29
N GLU A 248 -12.38 -1.52 8.53
CA GLU A 248 -12.37 -2.45 9.67
C GLU A 248 -13.33 -3.59 9.39
N ILE A 249 -12.84 -4.83 9.44
CA ILE A 249 -13.66 -6.06 9.46
C ILE A 249 -14.25 -6.21 10.86
N LEU A 250 -15.59 -6.18 10.98
CA LEU A 250 -16.37 -6.30 12.24
C LEU A 250 -16.76 -7.76 12.52
N ALA A 251 -16.87 -8.59 11.47
CA ALA A 251 -17.12 -10.03 11.58
C ALA A 251 -16.54 -10.71 10.34
N LEU A 252 -15.98 -11.91 10.49
CA LEU A 252 -15.46 -12.71 9.35
C LEU A 252 -15.68 -14.19 9.66
N VAL A 253 -16.69 -14.79 9.03
CA VAL A 253 -17.15 -16.18 9.31
C VAL A 253 -16.99 -16.98 8.02
N SER A 254 -16.23 -18.07 8.08
CA SER A 254 -16.26 -19.17 7.08
C SER A 254 -16.83 -20.37 7.83
N SER A 255 -17.79 -21.06 7.20
CA SER A 255 -18.57 -22.18 7.79
C SER A 255 -18.46 -23.41 6.89
N PRO A 256 -18.22 -24.63 7.41
CA PRO A 256 -17.99 -24.88 8.83
C PRO A 256 -16.59 -24.40 9.29
N SER A 257 -16.46 -24.32 10.62
CA SER A 257 -15.24 -23.92 11.34
C SER A 257 -14.55 -25.19 11.86
N PHE A 258 -13.57 -25.03 12.76
CA PHE A 258 -12.80 -26.12 13.38
C PHE A 258 -12.26 -25.59 14.71
N ASN A 259 -11.75 -26.49 15.55
CA ASN A 259 -11.09 -26.11 16.82
C ASN A 259 -9.62 -25.89 16.53
N PRO A 260 -9.09 -24.64 16.65
CA PRO A 260 -7.67 -24.40 16.45
C PRO A 260 -6.78 -24.86 17.60
N ASN A 261 -7.36 -25.12 18.79
CA ASN A 261 -6.62 -25.65 19.97
C ASN A 261 -6.02 -27.03 19.63
N LEU A 262 -6.61 -27.78 18.69
CA LEU A 262 -6.11 -29.09 18.24
C LEU A 262 -4.72 -28.98 17.62
N PHE A 263 -4.33 -27.79 17.14
CA PHE A 263 -3.08 -27.59 16.36
C PHE A 263 -1.92 -27.08 17.23
N VAL A 264 -2.21 -26.54 18.42
CA VAL A 264 -1.25 -25.73 19.26
C VAL A 264 0.00 -26.56 19.55
N THR A 265 -0.15 -27.68 20.29
CA THR A 265 0.94 -28.64 20.62
C THR A 265 0.70 -29.92 19.82
N GLY A 266 0.75 -29.81 18.50
CA GLY A 266 0.65 -30.94 17.56
C GLY A 266 -0.76 -31.48 17.42
N ILE A 267 -1.15 -31.87 16.20
CA ILE A 267 -2.47 -32.49 15.89
C ILE A 267 -2.21 -33.94 15.47
N ASN A 268 -2.93 -34.90 16.06
CA ASN A 268 -2.81 -36.35 15.74
C ASN A 268 -3.37 -36.57 14.32
N HIS A 269 -2.64 -37.33 13.49
CA HIS A 269 -2.94 -37.63 12.06
C HIS A 269 -4.36 -38.20 11.89
N LYS A 270 -4.93 -38.81 12.95
CA LYS A 270 -6.37 -39.19 13.02
C LYS A 270 -7.25 -37.93 12.98
N ASP A 271 -7.04 -36.97 13.89
CA ASP A 271 -7.87 -35.73 14.01
C ASP A 271 -7.71 -34.82 12.79
N TYR A 272 -6.49 -34.65 12.26
CA TYR A 272 -6.21 -33.79 11.09
C TYR A 272 -6.89 -34.36 9.83
N SER A 273 -6.78 -35.67 9.60
CA SER A 273 -7.33 -36.35 8.39
C SER A 273 -8.87 -36.32 8.41
N SER A 274 -9.51 -36.35 9.59
CA SER A 274 -10.98 -36.17 9.73
C SER A 274 -11.35 -34.79 9.15
N LEU A 275 -10.61 -33.73 9.52
CA LEU A 275 -10.81 -32.33 9.06
C LEU A 275 -10.43 -32.19 7.58
N ARG A 276 -9.25 -32.68 7.15
CA ARG A 276 -8.76 -32.48 5.75
C ARG A 276 -9.63 -33.33 4.79
N ASP A 277 -9.97 -34.58 5.13
CA ASP A 277 -10.78 -35.48 4.25
C ASP A 277 -12.29 -35.21 4.40
N ASN A 278 -12.74 -34.40 5.37
CA ASN A 278 -14.17 -34.01 5.51
C ASN A 278 -14.60 -33.31 4.21
N ILE A 279 -15.80 -33.64 3.73
CA ILE A 279 -16.41 -33.17 2.44
C ILE A 279 -16.79 -31.68 2.58
N ASP A 280 -17.25 -31.23 3.75
CA ASP A 280 -17.66 -29.81 3.97
C ASP A 280 -16.45 -28.88 4.18
N GLN A 281 -15.21 -29.41 4.20
CA GLN A 281 -13.94 -28.64 4.03
C GLN A 281 -13.78 -27.56 5.10
N PRO A 282 -13.75 -27.91 6.40
CA PRO A 282 -13.81 -26.92 7.47
C PRO A 282 -12.52 -26.12 7.63
N LEU A 283 -11.37 -26.68 7.21
CA LEU A 283 -10.06 -25.97 7.27
C LEU A 283 -9.97 -24.88 6.19
N TYR A 284 -10.86 -24.89 5.19
CA TYR A 284 -10.85 -23.92 4.06
C TYR A 284 -11.54 -22.61 4.48
N ASN A 285 -10.82 -21.48 4.28
CA ASN A 285 -11.33 -20.12 4.61
C ASN A 285 -12.09 -19.56 3.40
N ARG A 286 -13.40 -19.77 3.39
CA ARG A 286 -14.29 -19.36 2.27
C ARG A 286 -14.34 -17.84 2.15
N ALA A 287 -14.16 -17.11 3.28
CA ALA A 287 -14.19 -15.63 3.33
C ALA A 287 -12.95 -15.02 2.66
N VAL A 288 -11.78 -15.64 2.80
CA VAL A 288 -10.47 -15.04 2.44
C VAL A 288 -9.87 -15.73 1.20
N GLN A 289 -9.90 -17.07 1.13
CA GLN A 289 -9.36 -17.87 -0.01
C GLN A 289 -10.48 -18.18 -1.02
N GLY A 290 -11.67 -18.52 -0.51
CA GLY A 290 -12.82 -18.93 -1.33
C GLY A 290 -13.19 -17.85 -2.33
N VAL A 291 -13.46 -18.25 -3.56
CA VAL A 291 -13.92 -17.35 -4.67
C VAL A 291 -15.24 -17.90 -5.22
N TYR A 292 -16.16 -16.99 -5.51
CA TYR A 292 -17.52 -17.30 -6.02
C TYR A 292 -17.83 -16.41 -7.21
N PRO A 293 -18.62 -16.87 -8.22
CA PRO A 293 -19.23 -15.96 -9.16
C PRO A 293 -20.10 -14.95 -8.37
N PRO A 294 -19.84 -13.64 -8.47
CA PRO A 294 -20.58 -12.70 -7.65
C PRO A 294 -22.04 -12.55 -8.11
N GLY A 295 -22.34 -12.91 -9.37
CA GLY A 295 -23.69 -12.83 -9.94
C GLY A 295 -24.19 -11.40 -9.92
N SER A 296 -25.48 -11.19 -9.66
CA SER A 296 -26.16 -9.87 -9.74
C SER A 296 -25.66 -8.91 -8.63
N THR A 297 -24.87 -9.38 -7.65
CA THR A 297 -24.36 -8.49 -6.55
C THR A 297 -23.52 -7.33 -7.10
N ILE A 298 -22.85 -7.54 -8.24
CA ILE A 298 -21.90 -6.57 -8.86
C ILE A 298 -22.63 -5.56 -9.75
N LYS A 299 -23.93 -5.70 -9.97
CA LYS A 299 -24.69 -4.82 -10.88
C LYS A 299 -24.72 -3.38 -10.36
N PRO A 300 -24.95 -3.09 -9.06
CA PRO A 300 -25.03 -1.70 -8.57
C PRO A 300 -23.76 -0.89 -8.86
N MET A 301 -22.61 -1.55 -8.77
CA MET A 301 -21.30 -0.91 -8.99
C MET A 301 -21.10 -0.72 -10.50
N GLU A 302 -21.51 -1.69 -11.31
CA GLU A 302 -21.33 -1.63 -12.78
C GLU A 302 -22.22 -0.52 -13.35
N ALA A 303 -23.38 -0.30 -12.75
CA ALA A 303 -24.29 0.81 -13.09
C ALA A 303 -23.57 2.14 -12.84
N MET A 304 -22.88 2.29 -11.71
CA MET A 304 -22.08 3.51 -11.40
C MET A 304 -21.02 3.69 -12.49
N GLY A 305 -20.42 2.60 -12.97
CA GLY A 305 -19.49 2.60 -14.13
C GLY A 305 -20.14 3.17 -15.37
N GLY A 306 -21.39 2.78 -15.63
CA GLY A 306 -22.23 3.38 -16.68
C GLY A 306 -22.31 4.89 -16.53
N LEU A 307 -22.61 5.40 -15.34
CA LEU A 307 -22.74 6.87 -15.11
C LEU A 307 -21.38 7.55 -15.29
N HIS A 308 -20.31 6.90 -14.82
CA HIS A 308 -18.92 7.42 -14.86
C HIS A 308 -18.50 7.67 -16.30
N TYR A 309 -18.58 6.65 -17.15
CA TYR A 309 -18.13 6.70 -18.57
C TYR A 309 -19.10 7.52 -19.44
N GLY A 310 -20.21 8.02 -18.88
CA GLY A 310 -21.15 8.90 -19.60
C GLY A 310 -22.03 8.13 -20.57
N ILE A 311 -22.06 6.80 -20.49
CA ILE A 311 -22.77 5.90 -21.44
C ILE A 311 -24.27 6.02 -21.13
N VAL A 312 -24.67 5.74 -19.91
CA VAL A 312 -26.09 5.85 -19.46
C VAL A 312 -26.20 7.04 -18.53
N ASP A 313 -27.42 7.50 -18.30
CA ASP A 313 -27.82 8.31 -17.11
C ASP A 313 -29.02 7.59 -16.47
N TRP A 314 -29.62 8.19 -15.46
CA TRP A 314 -30.71 7.57 -14.65
C TRP A 314 -31.97 7.35 -15.50
N ALA A 315 -32.20 8.19 -16.51
CA ALA A 315 -33.37 8.15 -17.42
C ALA A 315 -33.15 7.18 -18.60
N THR A 316 -31.92 6.99 -19.10
CA THR A 316 -31.63 6.10 -20.26
C THR A 316 -32.35 4.77 -20.08
N ALA A 317 -33.29 4.46 -20.97
CA ALA A 317 -34.14 3.23 -20.94
C ALA A 317 -33.77 2.31 -22.12
N ILE A 318 -34.07 1.03 -22.00
CA ILE A 318 -33.84 0.02 -23.08
C ILE A 318 -35.13 -0.80 -23.25
N SER A 319 -35.49 -1.09 -24.50
CA SER A 319 -36.48 -2.14 -24.84
C SER A 319 -35.89 -3.48 -24.42
N ASP A 320 -36.55 -4.19 -23.50
CA ASP A 320 -36.10 -5.51 -22.98
C ASP A 320 -36.99 -6.58 -23.58
N PRO A 321 -36.54 -7.27 -24.66
CA PRO A 321 -37.27 -8.42 -25.21
C PRO A 321 -36.99 -9.73 -24.45
N GLY A 322 -36.15 -9.69 -23.39
CA GLY A 322 -35.76 -10.85 -22.57
C GLY A 322 -34.49 -11.50 -23.09
N TYR A 323 -33.76 -10.83 -23.99
CA TYR A 323 -32.47 -11.32 -24.55
C TYR A 323 -31.68 -10.15 -25.16
N PHE A 324 -30.40 -10.43 -25.44
CA PHE A 324 -29.48 -9.54 -26.18
C PHE A 324 -28.73 -10.41 -27.19
N HIS A 325 -28.55 -9.91 -28.41
CA HIS A 325 -27.75 -10.57 -29.47
C HIS A 325 -26.60 -9.62 -29.81
N LEU A 326 -25.39 -10.15 -30.01
CA LEU A 326 -24.25 -9.34 -30.50
C LEU A 326 -24.35 -9.26 -32.02
N PRO A 327 -24.15 -8.07 -32.64
CA PRO A 327 -24.12 -7.95 -34.11
C PRO A 327 -23.49 -9.14 -34.85
N GLY A 328 -24.28 -9.88 -35.66
CA GLY A 328 -23.82 -11.03 -36.45
C GLY A 328 -23.81 -12.35 -35.68
N ASP A 329 -23.47 -12.32 -34.38
CA ASP A 329 -23.53 -13.46 -33.43
C ASP A 329 -24.95 -14.06 -33.40
N SER A 330 -25.05 -15.38 -33.46
CA SER A 330 -26.32 -16.14 -33.39
C SER A 330 -26.70 -16.40 -31.92
N HIS A 331 -25.72 -16.71 -31.05
CA HIS A 331 -25.90 -16.92 -29.57
C HIS A 331 -26.80 -15.81 -29.04
N LYS A 332 -27.94 -16.20 -28.47
CA LYS A 332 -28.88 -15.32 -27.72
C LYS A 332 -28.49 -15.45 -26.24
N PHE A 333 -28.00 -14.34 -25.68
CA PHE A 333 -27.72 -14.15 -24.24
C PHE A 333 -29.05 -13.79 -23.55
N ARG A 334 -29.57 -14.72 -22.74
CA ARG A 334 -30.96 -14.65 -22.22
C ARG A 334 -30.99 -13.86 -20.92
N ASP A 335 -32.05 -13.08 -20.74
CA ASP A 335 -32.38 -12.41 -19.46
C ASP A 335 -32.85 -13.51 -18.51
N TRP A 336 -32.62 -13.35 -17.19
CA TRP A 336 -33.07 -14.33 -16.17
C TRP A 336 -34.58 -14.58 -16.34
N LYS A 337 -35.34 -13.55 -16.75
CA LYS A 337 -36.79 -13.60 -17.12
C LYS A 337 -36.93 -13.41 -18.64
N LYS A 338 -37.33 -14.46 -19.38
CA LYS A 338 -37.17 -14.53 -20.86
C LYS A 338 -38.28 -13.74 -21.57
N THR A 339 -39.35 -13.33 -20.86
CA THR A 339 -40.30 -12.27 -21.33
C THR A 339 -39.66 -10.87 -21.26
N GLY A 340 -38.64 -10.67 -20.43
CA GLY A 340 -38.01 -9.35 -20.19
C GLY A 340 -38.77 -8.55 -19.16
N HIS A 341 -38.34 -7.30 -18.96
CA HIS A 341 -38.82 -6.35 -17.93
C HIS A 341 -39.43 -5.10 -18.61
N GLY A 342 -39.67 -5.16 -19.92
CA GLY A 342 -40.30 -4.07 -20.70
C GLY A 342 -39.33 -2.94 -21.01
N ILE A 343 -39.71 -1.70 -20.66
CA ILE A 343 -38.87 -0.47 -20.80
C ILE A 343 -38.09 -0.29 -19.48
N VAL A 344 -36.77 -0.51 -19.53
CA VAL A 344 -35.88 -0.70 -18.35
C VAL A 344 -34.86 0.44 -18.29
N ASN A 345 -34.96 1.31 -17.28
CA ASN A 345 -33.92 2.31 -16.90
C ASN A 345 -33.06 1.75 -15.75
N MET A 346 -32.06 2.50 -15.29
CA MET A 346 -31.06 2.08 -14.27
C MET A 346 -31.77 1.60 -13.01
N HIS A 347 -32.65 2.43 -12.45
CA HIS A 347 -33.42 2.10 -11.23
C HIS A 347 -34.13 0.75 -11.44
N LYS A 348 -34.81 0.54 -12.58
CA LYS A 348 -35.58 -0.71 -12.83
C LYS A 348 -34.59 -1.88 -12.95
N ALA A 349 -33.46 -1.69 -13.65
CA ALA A 349 -32.42 -2.73 -13.83
C ALA A 349 -31.92 -3.24 -12.48
N ILE A 350 -31.78 -2.37 -11.47
CA ILE A 350 -31.30 -2.70 -10.08
C ILE A 350 -32.40 -3.46 -9.31
N ILE A 351 -33.61 -2.91 -9.18
CA ILE A 351 -34.69 -3.51 -8.32
C ILE A 351 -35.16 -4.84 -8.91
N MET A 352 -35.13 -5.00 -10.23
CA MET A 352 -35.55 -6.25 -10.94
C MET A 352 -34.35 -7.04 -11.48
N SER A 353 -33.11 -6.63 -11.22
CA SER A 353 -31.87 -7.39 -11.55
C SER A 353 -31.75 -7.65 -13.06
N CYS A 354 -32.26 -6.72 -13.91
CA CYS A 354 -32.43 -6.95 -15.36
C CYS A 354 -31.08 -7.25 -16.00
N ASP A 355 -30.87 -8.46 -16.51
CA ASP A 355 -29.61 -8.85 -17.20
C ASP A 355 -29.46 -8.12 -18.53
N THR A 356 -30.55 -7.74 -19.19
CA THR A 356 -30.49 -7.18 -20.57
C THR A 356 -29.83 -5.80 -20.52
N TYR A 357 -30.30 -4.92 -19.62
CA TYR A 357 -29.73 -3.57 -19.35
C TYR A 357 -28.19 -3.62 -19.29
N PHE A 358 -27.66 -4.61 -18.57
CA PHE A 358 -26.22 -4.76 -18.24
C PHE A 358 -25.48 -5.41 -19.42
N TYR A 359 -26.13 -6.27 -20.19
CA TYR A 359 -25.55 -6.83 -21.45
C TYR A 359 -25.32 -5.69 -22.44
N ILE A 360 -26.30 -4.81 -22.58
CA ILE A 360 -26.26 -3.62 -23.51
C ILE A 360 -25.19 -2.63 -23.00
N LEU A 361 -25.21 -2.34 -21.69
CA LEU A 361 -24.27 -1.38 -21.05
C LEU A 361 -22.83 -1.87 -21.21
N ALA A 362 -22.56 -3.12 -20.87
CA ALA A 362 -21.22 -3.74 -20.92
C ALA A 362 -20.71 -3.77 -22.36
N ASN A 363 -21.58 -4.05 -23.33
CA ASN A 363 -21.20 -4.16 -24.76
C ASN A 363 -20.65 -2.81 -25.24
N GLN A 364 -21.32 -1.70 -24.85
CA GLN A 364 -20.89 -0.30 -25.16
C GLN A 364 -19.60 0.02 -24.38
N MET A 365 -19.57 -0.28 -23.08
CA MET A 365 -18.44 0.01 -22.15
C MET A 365 -17.19 -0.73 -22.61
N GLY A 366 -17.30 -2.03 -22.92
CA GLY A 366 -16.19 -2.88 -23.37
C GLY A 366 -15.39 -3.38 -22.18
N ILE A 367 -14.69 -4.51 -22.35
CA ILE A 367 -14.06 -5.24 -21.20
C ILE A 367 -12.96 -4.37 -20.57
N ASP A 368 -12.15 -3.67 -21.37
CA ASP A 368 -10.99 -2.87 -20.89
C ASP A 368 -11.51 -1.77 -19.94
N GLN A 369 -12.63 -1.11 -20.25
CA GLN A 369 -13.21 -0.03 -19.41
C GLN A 369 -13.97 -0.64 -18.21
N MET A 370 -14.52 -1.86 -18.34
CA MET A 370 -15.14 -2.59 -17.20
C MET A 370 -14.06 -2.98 -16.20
N ASN A 371 -12.89 -3.48 -16.65
CA ASN A 371 -11.73 -3.79 -15.78
C ASN A 371 -11.33 -2.55 -14.97
N GLN A 372 -10.97 -1.47 -15.67
CA GLN A 372 -10.46 -0.23 -15.06
C GLN A 372 -11.41 0.19 -13.94
N TRP A 373 -12.72 0.11 -14.18
CA TRP A 373 -13.76 0.66 -13.28
C TRP A 373 -14.03 -0.29 -12.12
N MET A 374 -14.35 -1.55 -12.43
N MET A 374 -14.35 -1.55 -12.43
CA MET A 374 -14.73 -2.57 -11.42
CA MET A 374 -14.73 -2.57 -11.42
C MET A 374 -13.56 -2.81 -10.46
C MET A 374 -13.56 -2.82 -10.46
N ARG A 375 -12.31 -2.75 -10.94
CA ARG A 375 -11.11 -2.93 -10.09
C ARG A 375 -10.98 -1.83 -9.01
N GLN A 376 -11.58 -0.65 -9.20
CA GLN A 376 -11.63 0.44 -8.20
C GLN A 376 -12.43 0.05 -6.96
N PHE A 377 -13.34 -0.92 -7.08
CA PHE A 377 -14.17 -1.49 -5.97
C PHE A 377 -13.50 -2.68 -5.28
N GLY A 378 -12.37 -3.18 -5.79
CA GLY A 378 -11.58 -4.21 -5.11
C GLY A 378 -11.48 -5.50 -5.90
N PHE A 379 -12.29 -5.65 -6.96
CA PHE A 379 -12.39 -6.92 -7.74
C PHE A 379 -11.10 -7.16 -8.50
N GLY A 380 -10.71 -8.42 -8.62
CA GLY A 380 -9.65 -8.85 -9.56
C GLY A 380 -8.26 -8.84 -8.97
N GLN A 381 -8.02 -8.19 -7.82
CA GLN A 381 -6.73 -8.30 -7.08
C GLN A 381 -7.01 -8.39 -5.59
N LYS A 382 -6.04 -8.90 -4.84
CA LYS A 382 -6.10 -9.00 -3.36
C LYS A 382 -6.58 -7.66 -2.83
N THR A 383 -7.51 -7.67 -1.88
CA THR A 383 -7.99 -6.45 -1.16
C THR A 383 -6.86 -5.85 -0.31
N GLY A 384 -5.84 -6.64 0.04
CA GLY A 384 -4.70 -6.24 0.90
C GLY A 384 -4.97 -6.47 2.37
N VAL A 385 -5.84 -7.43 2.71
CA VAL A 385 -6.20 -7.74 4.13
C VAL A 385 -4.93 -8.19 4.86
N ASP A 386 -4.88 -7.90 6.16
CA ASP A 386 -3.77 -8.29 7.08
C ASP A 386 -3.99 -9.71 7.60
N LEU A 387 -4.25 -10.66 6.70
CA LEU A 387 -4.38 -12.12 6.98
C LEU A 387 -3.62 -12.83 5.88
N PRO A 388 -3.05 -14.03 6.09
CA PRO A 388 -2.32 -14.71 5.03
C PRO A 388 -3.26 -15.29 3.99
N SER A 389 -2.70 -15.63 2.84
CA SER A 389 -3.29 -16.54 1.83
C SER A 389 -4.53 -15.97 1.13
N GLU A 390 -4.73 -14.64 1.11
CA GLU A 390 -5.88 -13.98 0.43
C GLU A 390 -5.84 -14.30 -1.06
N SER A 391 -6.98 -14.71 -1.62
CA SER A 391 -7.11 -15.01 -3.07
C SER A 391 -7.28 -13.71 -3.84
N GLU A 392 -6.76 -13.67 -5.08
CA GLU A 392 -6.83 -12.52 -6.02
C GLU A 392 -8.28 -12.33 -6.49
N GLY A 393 -9.08 -13.40 -6.51
CA GLY A 393 -10.26 -13.45 -7.37
C GLY A 393 -9.84 -13.40 -8.81
N LEU A 394 -10.75 -13.06 -9.70
CA LEU A 394 -10.41 -12.85 -11.12
C LEU A 394 -11.46 -11.97 -11.76
N TYR A 395 -11.06 -10.77 -12.21
CA TYR A 395 -11.84 -9.97 -13.16
C TYR A 395 -11.24 -10.26 -14.53
N PRO A 396 -11.91 -11.01 -15.43
CA PRO A 396 -11.27 -11.46 -16.66
C PRO A 396 -10.95 -10.28 -17.58
N ASN A 397 -9.82 -10.33 -18.27
CA ASN A 397 -9.35 -9.28 -19.21
C ASN A 397 -8.67 -9.96 -20.41
N PRO A 398 -8.48 -9.26 -21.56
CA PRO A 398 -7.75 -9.82 -22.70
C PRO A 398 -6.33 -10.34 -22.41
N GLU A 399 -5.55 -9.62 -21.60
CA GLU A 399 -4.16 -10.02 -21.27
C GLU A 399 -4.18 -11.36 -20.51
N TRP A 400 -5.11 -11.53 -19.56
CA TRP A 400 -5.36 -12.80 -18.81
C TRP A 400 -5.67 -13.93 -19.79
N LYS A 401 -6.56 -13.69 -20.76
CA LYS A 401 -6.97 -14.69 -21.78
C LYS A 401 -5.74 -15.11 -22.61
N MET A 402 -4.91 -14.15 -23.04
CA MET A 402 -3.72 -14.41 -23.89
C MET A 402 -2.64 -15.19 -23.09
N ARG A 403 -2.59 -15.08 -21.76
CA ARG A 403 -1.62 -15.85 -20.92
C ARG A 403 -2.21 -17.24 -20.63
N THR A 404 -3.44 -17.34 -20.13
CA THR A 404 -4.01 -18.59 -19.54
C THR A 404 -4.56 -19.52 -20.64
N ARG A 405 -5.40 -19.02 -21.56
CA ARG A 405 -6.03 -19.83 -22.66
C ARG A 405 -5.32 -19.61 -24.00
N LYS A 406 -4.26 -18.78 -24.08
CA LYS A 406 -3.44 -18.49 -25.30
C LYS A 406 -4.34 -18.19 -26.53
N SER A 407 -5.49 -17.57 -26.28
CA SER A 407 -6.59 -17.28 -27.23
C SER A 407 -6.90 -15.78 -27.18
N LYS A 408 -7.58 -15.23 -28.19
CA LYS A 408 -7.97 -13.80 -28.22
C LYS A 408 -9.27 -13.64 -27.43
N TRP A 409 -9.59 -12.41 -27.03
CA TRP A 409 -10.82 -12.08 -26.26
C TRP A 409 -11.99 -11.95 -27.25
N MET A 410 -13.11 -12.64 -26.96
CA MET A 410 -14.36 -12.62 -27.76
C MET A 410 -15.39 -11.78 -27.03
N LYS A 411 -16.13 -10.92 -27.75
CA LYS A 411 -17.11 -9.96 -27.16
C LYS A 411 -18.24 -10.68 -26.43
N GLY A 412 -18.44 -11.98 -26.67
CA GLY A 412 -19.39 -12.80 -25.90
C GLY A 412 -18.95 -12.96 -24.46
N GLU A 413 -17.65 -13.02 -24.21
CA GLU A 413 -17.07 -13.23 -22.85
C GLU A 413 -17.37 -11.99 -21.98
N THR A 414 -17.36 -10.79 -22.56
CA THR A 414 -17.75 -9.48 -21.94
C THR A 414 -19.17 -9.59 -21.36
N ILE A 415 -20.09 -10.23 -22.09
CA ILE A 415 -21.54 -10.25 -21.75
C ILE A 415 -21.74 -11.10 -20.50
N SER A 416 -21.06 -12.26 -20.41
CA SER A 416 -21.05 -13.16 -19.23
C SER A 416 -20.62 -12.39 -17.98
N VAL A 417 -19.52 -11.63 -18.11
CA VAL A 417 -18.87 -10.85 -17.00
C VAL A 417 -19.82 -9.74 -16.54
N SER A 418 -20.67 -9.20 -17.42
CA SER A 418 -21.57 -8.05 -17.13
C SER A 418 -22.58 -8.37 -16.01
N ILE A 419 -22.97 -9.64 -15.88
CA ILE A 419 -23.98 -10.09 -14.86
C ILE A 419 -23.30 -10.96 -13.79
N GLY A 420 -21.98 -10.85 -13.64
CA GLY A 420 -21.23 -11.48 -12.54
C GLY A 420 -21.06 -12.96 -12.74
N GLN A 421 -20.91 -13.40 -14.00
CA GLN A 421 -20.73 -14.81 -14.40
C GLN A 421 -19.47 -14.85 -15.29
N GLY A 422 -19.36 -15.74 -16.28
CA GLY A 422 -18.10 -16.00 -17.01
C GLY A 422 -17.05 -16.51 -16.04
N ALA A 423 -15.81 -16.05 -16.20
CA ALA A 423 -14.69 -16.39 -15.30
C ALA A 423 -14.61 -15.41 -14.12
N PHE A 424 -15.52 -14.41 -14.02
CA PHE A 424 -15.55 -13.43 -12.89
C PHE A 424 -15.80 -14.20 -11.59
N THR A 425 -14.79 -14.21 -10.71
CA THR A 425 -14.83 -14.84 -9.38
C THR A 425 -14.38 -13.76 -8.38
N ALA A 426 -14.97 -13.74 -7.19
CA ALA A 426 -14.74 -12.73 -6.14
C ALA A 426 -14.74 -13.40 -4.77
N THR A 427 -13.86 -12.96 -3.88
CA THR A 427 -13.88 -13.36 -2.45
C THR A 427 -15.05 -12.62 -1.79
N PRO A 428 -15.71 -13.21 -0.77
CA PRO A 428 -16.63 -12.47 0.10
C PRO A 428 -16.02 -11.19 0.72
N LEU A 429 -14.71 -11.23 0.96
CA LEU A 429 -13.87 -10.05 1.33
C LEU A 429 -14.05 -8.96 0.26
N GLN A 430 -13.78 -9.30 -1.00
CA GLN A 430 -13.90 -8.37 -2.16
C GLN A 430 -15.32 -7.82 -2.22
N LEU A 431 -16.32 -8.68 -2.08
CA LEU A 431 -17.75 -8.28 -2.23
C LEU A 431 -18.13 -7.30 -1.13
N ALA A 432 -17.63 -7.49 0.09
CA ALA A 432 -17.87 -6.58 1.23
C ALA A 432 -17.20 -5.22 0.99
N MET A 433 -15.96 -5.24 0.51
CA MET A 433 -15.16 -4.04 0.18
C MET A 433 -15.93 -3.19 -0.83
N ALA A 434 -16.29 -3.79 -1.96
CA ALA A 434 -17.06 -3.17 -3.07
C ALA A 434 -18.35 -2.54 -2.51
N THR A 435 -19.01 -3.23 -1.59
CA THR A 435 -20.28 -2.76 -0.98
C THR A 435 -19.94 -1.54 -0.12
N ALA A 436 -18.93 -1.64 0.73
CA ALA A 436 -18.46 -0.53 1.59
C ALA A 436 -18.14 0.71 0.73
N ILE A 437 -17.47 0.51 -0.40
CA ILE A 437 -17.06 1.60 -1.32
C ILE A 437 -18.31 2.23 -1.93
N THR A 438 -19.30 1.42 -2.34
CA THR A 438 -20.62 1.90 -2.85
C THR A 438 -21.31 2.74 -1.77
N ALA A 439 -21.21 2.31 -0.51
CA ALA A 439 -21.93 2.89 0.65
C ALA A 439 -21.34 4.24 1.02
N ASN A 440 -20.00 4.36 0.98
CA ASN A 440 -19.24 5.54 1.45
C ASN A 440 -18.98 6.54 0.30
N HIS A 441 -19.63 6.39 -0.87
CA HIS A 441 -19.58 7.27 -2.07
C HIS A 441 -18.16 7.29 -2.67
N GLY A 442 -17.53 6.12 -2.80
CA GLY A 442 -16.30 5.92 -3.59
C GLY A 442 -15.01 6.19 -2.84
N SER A 443 -14.99 6.14 -1.51
CA SER A 443 -13.73 6.21 -0.72
C SER A 443 -13.15 4.79 -0.62
N HIS A 444 -11.97 4.55 -1.17
CA HIS A 444 -11.28 3.24 -1.15
C HIS A 444 -10.85 2.91 0.27
N VAL A 445 -11.24 1.74 0.78
CA VAL A 445 -10.87 1.26 2.13
C VAL A 445 -10.14 -0.05 1.92
N VAL A 446 -9.17 -0.34 2.79
CA VAL A 446 -8.41 -1.62 2.79
C VAL A 446 -9.00 -2.49 3.91
N PRO A 447 -9.68 -3.62 3.58
CA PRO A 447 -10.17 -4.53 4.61
C PRO A 447 -9.02 -4.89 5.56
N HIS A 448 -9.25 -4.72 6.87
CA HIS A 448 -8.22 -5.00 7.90
C HIS A 448 -8.89 -5.46 9.19
N VAL A 449 -8.24 -6.38 9.89
CA VAL A 449 -8.69 -6.98 11.18
C VAL A 449 -7.99 -6.27 12.36
N LEU A 450 -6.81 -5.66 12.19
CA LEU A 450 -6.10 -5.05 13.34
C LEU A 450 -6.60 -3.63 13.62
N ARG A 451 -7.15 -3.37 14.80
CA ARG A 451 -7.71 -2.06 15.22
C ARG A 451 -6.67 -1.29 16.06
N ALA A 452 -6.07 -1.94 17.05
CA ALA A 452 -5.04 -1.34 17.93
C ALA A 452 -4.02 -2.41 18.29
N THR A 453 -2.77 -2.02 18.56
CA THR A 453 -1.76 -2.87 19.22
C THR A 453 -1.17 -2.12 20.40
N HIS A 454 -1.22 -2.70 21.60
CA HIS A 454 -0.62 -2.15 22.85
C HIS A 454 0.61 -2.99 23.21
N GLY A 455 1.73 -2.32 23.46
CA GLY A 455 3.01 -2.97 23.82
C GLY A 455 4.18 -2.03 23.59
N ALA A 456 5.39 -2.59 23.52
CA ALA A 456 6.63 -1.82 23.37
C ALA A 456 7.01 -1.68 21.89
N LYS A 457 6.71 -2.67 21.06
CA LYS A 457 7.10 -2.66 19.62
C LYS A 457 6.30 -1.55 18.93
N PRO A 458 6.98 -0.60 18.25
CA PRO A 458 6.29 0.40 17.43
C PRO A 458 5.53 -0.26 16.27
N PHE A 459 4.37 0.27 15.91
CA PHE A 459 3.60 -0.24 14.77
C PHE A 459 2.68 0.85 14.22
N THR A 460 2.52 0.92 12.89
CA THR A 460 1.55 1.84 12.23
C THR A 460 0.26 1.06 11.94
N VAL A 461 -0.86 1.51 12.46
CA VAL A 461 -2.18 0.84 12.24
C VAL A 461 -3.01 1.74 11.33
N ARG A 462 -3.40 1.20 10.17
CA ARG A 462 -4.40 1.81 9.25
C ARG A 462 -5.73 1.94 10.01
N ASN A 463 -6.36 3.11 9.93
CA ASN A 463 -7.63 3.46 10.63
C ASN A 463 -8.60 4.21 9.70
N ALA A 464 -8.27 4.41 8.41
CA ALA A 464 -8.99 5.38 7.55
C ALA A 464 -8.88 4.96 6.07
N PRO A 465 -9.76 5.48 5.18
CA PRO A 465 -9.67 5.20 3.74
C PRO A 465 -8.36 5.70 3.14
N ASP A 466 -7.84 5.01 2.12
CA ASP A 466 -6.53 5.31 1.48
C ASP A 466 -6.70 6.13 0.19
N GLY A 467 -7.92 6.58 -0.16
CA GLY A 467 -8.13 7.32 -1.41
C GLY A 467 -9.59 7.51 -1.79
N LYS A 468 -9.84 8.30 -2.85
CA LYS A 468 -11.17 8.56 -3.45
C LYS A 468 -11.11 8.24 -4.94
N ILE A 469 -12.11 7.51 -5.47
CA ILE A 469 -12.22 7.21 -6.93
C ILE A 469 -12.56 8.53 -7.64
N ASN A 470 -11.77 8.94 -8.64
CA ASN A 470 -12.18 10.06 -9.52
C ASN A 470 -13.41 9.53 -10.26
N PHE A 471 -14.57 10.12 -10.03
CA PHE A 471 -15.87 9.66 -10.58
C PHE A 471 -16.52 10.83 -11.30
N ASN A 472 -16.81 10.67 -12.59
CA ASN A 472 -17.22 11.76 -13.51
C ASN A 472 -18.69 12.14 -13.26
N GLY A 473 -19.46 11.32 -12.55
CA GLY A 473 -20.78 11.70 -12.01
C GLY A 473 -20.66 12.59 -10.78
N THR A 474 -21.75 12.78 -10.05
CA THR A 474 -21.82 13.63 -8.84
C THR A 474 -22.04 12.74 -7.61
N ASP A 475 -22.01 13.34 -6.42
CA ASP A 475 -22.33 12.65 -5.15
C ASP A 475 -23.77 12.11 -5.23
N GLU A 476 -24.67 12.84 -5.86
CA GLU A 476 -26.09 12.47 -6.06
C GLU A 476 -26.22 11.08 -6.70
N ASP A 477 -25.32 10.72 -7.63
CA ASP A 477 -25.36 9.40 -8.33
C ASP A 477 -25.17 8.24 -7.31
N TRP A 478 -24.41 8.44 -6.24
CA TRP A 478 -24.26 7.44 -5.15
C TRP A 478 -25.52 7.40 -4.29
N VAL A 479 -26.12 8.56 -4.03
CA VAL A 479 -27.38 8.68 -3.24
C VAL A 479 -28.50 8.00 -4.04
N LYS A 480 -28.57 8.22 -5.36
CA LYS A 480 -29.62 7.61 -6.22
C LYS A 480 -29.48 6.08 -6.18
N MET A 481 -28.24 5.58 -6.25
CA MET A 481 -27.92 4.11 -6.22
C MET A 481 -28.25 3.52 -4.85
N ARG A 482 -28.07 4.27 -3.77
CA ARG A 482 -28.51 3.85 -2.42
C ARG A 482 -30.04 3.65 -2.42
N GLU A 483 -30.80 4.64 -2.92
CA GLU A 483 -32.29 4.58 -2.97
C GLU A 483 -32.73 3.39 -3.82
N ALA A 484 -32.09 3.14 -4.96
CA ALA A 484 -32.32 1.94 -5.81
C ALA A 484 -32.11 0.68 -4.96
N MET A 485 -30.99 0.62 -4.23
CA MET A 485 -30.60 -0.54 -3.38
C MET A 485 -31.52 -0.66 -2.16
N ILE A 486 -32.00 0.43 -1.56
CA ILE A 486 -33.09 0.39 -0.53
C ILE A 486 -34.32 -0.28 -1.16
N ASP A 487 -34.66 0.11 -2.40
CA ASP A 487 -35.86 -0.39 -3.10
C ASP A 487 -35.68 -1.85 -3.52
N VAL A 488 -34.46 -2.37 -3.65
CA VAL A 488 -34.25 -3.83 -3.82
C VAL A 488 -34.88 -4.53 -2.61
N ILE A 489 -34.62 -4.02 -1.39
CA ILE A 489 -35.18 -4.58 -0.13
C ILE A 489 -36.68 -4.27 -0.07
N GLN A 490 -37.11 -3.02 -0.31
CA GLN A 490 -38.52 -2.58 -0.11
C GLN A 490 -39.44 -3.32 -1.09
N SER A 491 -39.13 -3.28 -2.38
CA SER A 491 -40.06 -3.61 -3.49
C SER A 491 -39.33 -4.29 -4.66
N GLY A 492 -38.31 -5.11 -4.38
CA GLY A 492 -37.45 -5.74 -5.42
C GLY A 492 -37.15 -7.21 -5.15
N THR A 493 -35.92 -7.64 -5.46
CA THR A 493 -35.48 -9.07 -5.45
C THR A 493 -35.15 -9.53 -4.01
N GLY A 494 -34.93 -8.60 -3.05
CA GLY A 494 -34.58 -8.92 -1.66
C GLY A 494 -35.71 -8.64 -0.68
N ARG A 495 -36.98 -8.73 -1.13
CA ARG A 495 -38.19 -8.60 -0.27
C ARG A 495 -38.21 -9.77 0.73
N GLY A 496 -38.59 -9.49 1.97
CA GLY A 496 -38.69 -10.48 3.06
C GLY A 496 -37.67 -10.26 4.16
N ILE A 497 -36.69 -9.34 3.99
CA ILE A 497 -35.66 -9.01 5.02
C ILE A 497 -35.78 -7.54 5.43
N ARG A 498 -37.02 -7.02 5.46
CA ARG A 498 -37.27 -5.60 5.76
C ARG A 498 -37.36 -5.41 7.27
N THR A 499 -36.89 -4.26 7.74
CA THR A 499 -36.85 -3.86 9.18
C THR A 499 -37.62 -2.55 9.36
N PRO A 500 -38.29 -2.35 10.52
CA PRO A 500 -39.09 -1.16 10.73
C PRO A 500 -38.35 -0.02 11.46
N LEU A 501 -37.08 -0.23 11.84
CA LEU A 501 -36.32 0.67 12.75
C LEU A 501 -35.19 1.39 12.00
N TYR A 502 -34.68 0.81 10.92
CA TYR A 502 -33.58 1.35 10.09
C TYR A 502 -33.78 0.88 8.63
N GLN A 503 -33.15 1.56 7.69
CA GLN A 503 -33.21 1.23 6.24
C GLN A 503 -31.96 0.42 5.86
N ILE A 504 -32.16 -0.65 5.11
CA ILE A 504 -31.07 -1.47 4.53
C ILE A 504 -31.08 -1.23 3.04
N ALA A 505 -29.94 -0.83 2.48
CA ALA A 505 -29.63 -0.90 1.04
C ALA A 505 -29.03 -2.28 0.75
N GLY A 506 -29.45 -2.97 -0.32
CA GLY A 506 -28.91 -4.30 -0.65
C GLY A 506 -29.09 -4.70 -2.10
N LYS A 507 -28.56 -5.86 -2.47
CA LYS A 507 -28.60 -6.45 -3.83
C LYS A 507 -28.35 -7.95 -3.70
N THR A 508 -29.24 -8.75 -4.28
CA THR A 508 -29.20 -10.22 -4.23
C THR A 508 -28.54 -10.74 -5.51
N GLY A 509 -28.14 -12.00 -5.49
CA GLY A 509 -27.56 -12.70 -6.64
C GLY A 509 -27.51 -14.19 -6.38
N THR A 510 -27.34 -14.97 -7.44
CA THR A 510 -27.21 -16.44 -7.37
C THR A 510 -25.97 -16.81 -8.17
N ALA A 511 -25.46 -18.03 -7.99
CA ALA A 511 -24.23 -18.50 -8.66
C ALA A 511 -24.35 -20.01 -8.93
N GLN A 512 -23.98 -20.44 -10.13
CA GLN A 512 -24.00 -21.87 -10.53
C GLN A 512 -22.72 -22.55 -10.05
N VAL A 513 -22.83 -23.80 -9.59
CA VAL A 513 -21.69 -24.59 -9.03
C VAL A 513 -20.71 -24.98 -10.14
N LEU A 527 -25.59 -34.92 -2.50
CA LEU A 527 -25.09 -34.45 -3.83
C LEU A 527 -26.19 -33.80 -4.70
N SER A 528 -27.48 -34.09 -4.45
CA SER A 528 -28.63 -33.27 -4.91
C SER A 528 -28.70 -31.96 -4.11
N GLU A 529 -27.96 -31.82 -2.99
CA GLU A 529 -27.78 -30.52 -2.29
C GLU A 529 -26.56 -29.80 -2.86
N ARG A 530 -25.38 -30.44 -2.86
CA ARG A 530 -24.06 -29.79 -3.17
C ARG A 530 -24.04 -29.18 -4.59
N GLN A 531 -24.89 -29.64 -5.53
CA GLN A 531 -24.94 -29.11 -6.92
C GLN A 531 -25.97 -27.96 -7.03
N LEU A 532 -26.69 -27.59 -5.97
CA LEU A 532 -27.63 -26.43 -6.00
C LEU A 532 -26.86 -25.11 -6.16
N ASP A 533 -27.53 -24.08 -6.69
CA ASP A 533 -26.99 -22.70 -6.82
C ASP A 533 -26.69 -22.09 -5.44
N HIS A 534 -25.62 -21.30 -5.36
CA HIS A 534 -25.28 -20.47 -4.16
C HIS A 534 -26.20 -19.25 -4.16
N GLY A 535 -26.67 -18.82 -2.98
CA GLY A 535 -27.30 -17.51 -2.74
C GLY A 535 -26.23 -16.51 -2.30
N LEU A 536 -26.26 -15.28 -2.86
CA LEU A 536 -25.38 -14.15 -2.46
C LEU A 536 -26.24 -12.95 -2.08
N PHE A 537 -25.83 -12.21 -1.06
CA PHE A 537 -26.40 -10.88 -0.69
C PHE A 537 -25.26 -9.93 -0.34
N VAL A 538 -25.29 -8.71 -0.88
CA VAL A 538 -24.45 -7.56 -0.42
C VAL A 538 -25.43 -6.46 0.03
N GLY A 539 -25.08 -5.71 1.06
CA GLY A 539 -25.93 -4.61 1.53
C GLY A 539 -25.26 -3.81 2.62
N PHE A 540 -25.91 -2.74 3.08
CA PHE A 540 -25.33 -1.84 4.12
C PHE A 540 -26.44 -1.05 4.83
N ALA A 541 -26.12 -0.62 6.05
CA ALA A 541 -27.11 -0.03 6.97
C ALA A 541 -26.38 0.76 8.07
N PRO A 542 -27.01 1.78 8.70
CA PRO A 542 -28.26 2.38 8.21
C PRO A 542 -27.91 3.10 6.91
N ALA A 543 -28.73 2.93 5.87
CA ALA A 543 -28.44 3.30 4.46
C ALA A 543 -27.90 4.74 4.34
N ASP A 544 -28.49 5.71 5.05
CA ASP A 544 -28.17 7.16 4.91
C ASP A 544 -26.80 7.50 5.49
N LYS A 545 -26.46 7.01 6.68
CA LYS A 545 -25.10 7.10 7.29
C LYS A 545 -24.55 5.69 7.53
N PRO A 546 -24.04 4.98 6.50
CA PRO A 546 -23.57 3.60 6.66
C PRO A 546 -22.55 3.38 7.79
N GLU A 547 -22.82 2.39 8.63
CA GLU A 547 -21.96 1.89 9.74
C GLU A 547 -21.38 0.50 9.41
N ILE A 548 -22.04 -0.28 8.56
CA ILE A 548 -21.72 -1.71 8.34
C ILE A 548 -22.20 -2.12 6.94
N ALA A 549 -21.31 -2.73 6.15
CA ALA A 549 -21.64 -3.39 4.88
C ALA A 549 -21.42 -4.88 5.06
N ILE A 550 -22.33 -5.72 4.56
CA ILE A 550 -22.24 -7.20 4.73
C ILE A 550 -22.20 -7.83 3.34
N ALA A 551 -21.41 -8.89 3.19
CA ALA A 551 -21.49 -9.85 2.08
C ALA A 551 -21.83 -11.22 2.67
N VAL A 552 -22.89 -11.88 2.20
CA VAL A 552 -23.27 -13.27 2.54
C VAL A 552 -23.12 -14.12 1.28
N ILE A 553 -22.39 -15.22 1.37
CA ILE A 553 -22.45 -16.34 0.39
C ILE A 553 -22.98 -17.52 1.18
N TRP A 554 -24.22 -17.93 0.92
CA TRP A 554 -24.80 -19.21 1.39
C TRP A 554 -24.55 -20.23 0.27
N GLU A 555 -23.59 -21.14 0.45
CA GLU A 555 -23.34 -22.21 -0.55
C GLU A 555 -24.57 -23.13 -0.60
N ASN A 556 -25.10 -23.34 -1.81
CA ASN A 556 -26.27 -24.23 -2.09
C ASN A 556 -27.52 -23.68 -1.42
N GLY A 557 -27.57 -22.36 -1.14
CA GLY A 557 -28.69 -21.67 -0.52
C GLY A 557 -29.72 -21.25 -1.55
N ARG A 558 -29.47 -21.48 -2.86
CA ARG A 558 -30.47 -21.51 -3.96
C ARG A 558 -30.89 -20.10 -4.40
N HIS A 559 -31.27 -19.22 -3.46
CA HIS A 559 -31.76 -17.83 -3.72
C HIS A 559 -31.00 -16.79 -2.89
N GLY A 560 -30.67 -15.65 -3.50
CA GLY A 560 -30.06 -14.49 -2.83
C GLY A 560 -30.96 -13.94 -1.75
N GLY A 561 -32.28 -14.00 -1.95
CA GLY A 561 -33.26 -13.65 -0.91
C GLY A 561 -33.03 -14.45 0.36
N SER A 562 -32.57 -15.71 0.24
CA SER A 562 -32.22 -16.60 1.39
C SER A 562 -31.00 -16.04 2.10
N ALA A 563 -29.94 -15.75 1.32
CA ALA A 563 -28.67 -15.15 1.80
C ALA A 563 -28.97 -13.83 2.53
N ALA A 564 -29.90 -13.03 2.00
CA ALA A 564 -30.38 -11.79 2.65
C ALA A 564 -30.96 -12.09 4.03
N GLN A 565 -31.68 -13.22 4.21
CA GLN A 565 -32.28 -13.63 5.50
C GLN A 565 -31.17 -13.70 6.54
N LEU A 566 -30.00 -14.23 6.16
CA LEU A 566 -28.85 -14.41 7.08
C LEU A 566 -28.28 -13.05 7.49
N ALA A 567 -28.39 -12.01 6.66
CA ALA A 567 -27.80 -10.69 6.95
C ALA A 567 -28.63 -9.88 7.96
N LYS A 568 -29.96 -10.04 8.00
CA LYS A 568 -30.83 -9.17 8.84
C LYS A 568 -30.43 -9.25 10.32
N PRO A 569 -30.23 -10.47 10.90
CA PRO A 569 -29.81 -10.58 12.29
C PRO A 569 -28.44 -9.94 12.59
N VAL A 570 -27.52 -9.99 11.62
CA VAL A 570 -26.14 -9.41 11.75
C VAL A 570 -26.31 -7.90 11.82
N PHE A 571 -27.06 -7.33 10.88
CA PHE A 571 -27.42 -5.89 10.86
C PHE A 571 -28.12 -5.53 12.16
N ASP A 572 -29.13 -6.32 12.55
CA ASP A 572 -29.97 -6.05 13.76
C ASP A 572 -29.05 -6.06 14.99
N TYR A 573 -28.14 -7.02 15.08
CA TYR A 573 -27.26 -7.15 16.27
C TYR A 573 -26.47 -5.85 16.40
N TRP A 574 -25.82 -5.43 15.31
CA TRP A 574 -24.90 -4.26 15.25
C TRP A 574 -25.66 -2.95 15.56
N LEU A 575 -26.87 -2.75 15.03
CA LEU A 575 -27.54 -1.43 15.06
C LEU A 575 -28.58 -1.30 16.19
N LEU A 576 -29.18 -2.41 16.68
CA LEU A 576 -30.24 -2.38 17.73
C LEU A 576 -29.71 -2.96 19.06
N THR A 577 -29.29 -4.23 19.04
CA THR A 577 -28.95 -5.04 20.25
C THR A 577 -27.73 -4.48 20.98
N ARG A 578 -26.57 -4.45 20.32
CA ARG A 578 -25.20 -4.23 20.89
C ARG A 578 -25.14 -3.06 21.89
N LYS A 579 -25.93 -2.00 21.74
CA LYS A 579 -25.91 -0.82 22.65
C LYS A 579 -26.55 -1.20 24.01
N LYS A 580 -27.64 -1.96 24.02
CA LYS A 580 -28.47 -2.29 25.22
C LYS A 580 -27.97 -3.60 25.83
N ASN A 581 -28.10 -4.71 25.10
CA ASN A 581 -27.81 -6.11 25.55
C ASN A 581 -26.70 -6.72 24.69
N PRO A 582 -25.42 -6.29 24.82
CA PRO A 582 -24.35 -6.88 24.04
C PRO A 582 -24.11 -8.34 24.42
N ILE A 583 -24.00 -9.22 23.42
CA ILE A 583 -23.62 -10.64 23.61
C ILE A 583 -22.18 -10.64 24.13
N ARG A 584 -21.96 -11.18 25.34
CA ARG A 584 -20.62 -11.29 25.96
C ARG A 584 -20.43 -12.75 26.36
N PRO A 585 -19.18 -13.24 26.57
CA PRO A 585 -18.93 -14.66 26.82
C PRO A 585 -19.60 -15.30 28.06
N GLN B 32 -7.32 1.01 -39.72
CA GLN B 32 -6.48 2.27 -39.65
C GLN B 32 -6.69 2.96 -38.30
N PRO B 33 -5.74 2.88 -37.33
CA PRO B 33 -5.98 3.36 -35.97
C PRO B 33 -5.87 4.89 -35.82
N LEU B 34 -6.47 5.42 -34.76
CA LEU B 34 -6.44 6.87 -34.38
C LEU B 34 -5.84 7.00 -32.98
N PRO B 35 -4.57 7.45 -32.84
CA PRO B 35 -3.92 7.42 -31.53
C PRO B 35 -4.58 8.45 -30.63
N PRO B 36 -4.59 8.26 -29.29
CA PRO B 36 -5.22 9.20 -28.38
C PRO B 36 -4.28 10.37 -28.09
N ALA B 37 -4.86 11.55 -27.89
CA ALA B 37 -4.16 12.76 -27.40
C ALA B 37 -3.67 12.47 -25.98
N ARG B 38 -2.39 12.67 -25.69
CA ARG B 38 -1.84 12.55 -24.31
C ARG B 38 -2.50 13.60 -23.43
N GLY B 39 -2.80 13.25 -22.17
CA GLY B 39 -3.42 14.17 -21.21
C GLY B 39 -2.46 15.27 -20.81
N TYR B 40 -3.00 16.43 -20.47
CA TYR B 40 -2.21 17.60 -20.03
C TYR B 40 -1.78 17.35 -18.58
N ILE B 41 -0.76 18.06 -18.12
CA ILE B 41 -0.33 18.04 -16.69
C ILE B 41 -0.44 19.48 -16.20
N TYR B 42 -1.23 19.73 -15.16
CA TYR B 42 -1.34 21.06 -14.53
C TYR B 42 -0.75 21.01 -13.10
N ASP B 43 -0.75 22.17 -12.42
CA ASP B 43 -0.36 22.31 -11.00
C ASP B 43 -1.66 22.32 -10.21
N ARG B 44 -1.57 22.45 -8.89
CA ARG B 44 -2.72 22.48 -7.95
C ARG B 44 -3.68 23.63 -8.26
N ASN B 45 -3.24 24.69 -8.95
CA ASN B 45 -4.03 25.91 -9.24
C ASN B 45 -4.48 25.94 -10.71
N GLY B 46 -4.07 24.97 -11.54
CA GLY B 46 -4.43 24.90 -12.96
C GLY B 46 -3.41 25.52 -13.89
N VAL B 47 -2.21 25.86 -13.40
CA VAL B 47 -1.09 26.34 -14.24
C VAL B 47 -0.59 25.19 -15.11
N LEU B 48 -0.53 25.38 -16.42
CA LEU B 48 -0.16 24.32 -17.37
C LEU B 48 1.34 24.05 -17.28
N LEU B 49 1.70 22.78 -17.14
CA LEU B 49 3.10 22.30 -17.05
C LEU B 49 3.45 21.33 -18.18
N ALA B 50 2.48 20.72 -18.86
CA ALA B 50 2.72 19.90 -20.07
C ALA B 50 1.46 19.87 -20.93
N ASP B 51 1.58 20.14 -22.23
CA ASP B 51 0.51 20.01 -23.25
C ASP B 51 1.07 19.33 -24.51
N ASN B 52 0.21 19.23 -25.53
CA ASN B 52 0.61 18.82 -26.90
C ASN B 52 0.31 19.97 -27.84
N TYR B 53 1.12 20.10 -28.88
CA TYR B 53 0.81 20.96 -30.04
C TYR B 53 1.03 20.15 -31.32
N PRO B 54 0.18 20.41 -32.36
CA PRO B 54 0.29 19.70 -33.64
C PRO B 54 1.50 20.20 -34.44
N VAL B 55 2.17 19.29 -35.15
CA VAL B 55 3.31 19.59 -36.08
C VAL B 55 3.14 18.79 -37.37
N PHE B 56 3.87 19.18 -38.41
CA PHE B 56 3.91 18.48 -39.71
C PHE B 56 5.13 17.56 -39.70
N THR B 57 4.93 16.30 -40.07
CA THR B 57 5.98 15.25 -40.06
C THR B 57 5.98 14.49 -41.39
N ALA B 58 7.17 14.37 -42.00
CA ALA B 58 7.44 13.57 -43.23
C ALA B 58 7.74 12.12 -42.82
N THR B 59 6.79 11.20 -43.06
CA THR B 59 6.92 9.73 -42.85
C THR B 59 7.15 9.05 -44.21
N LEU B 60 7.55 7.78 -44.18
CA LEU B 60 8.07 7.03 -45.36
C LEU B 60 7.79 5.54 -45.14
N SER B 61 7.19 4.85 -46.12
CA SER B 61 6.89 3.39 -46.06
C SER B 61 7.90 2.65 -46.96
N LYS B 62 8.46 1.51 -46.51
CA LYS B 62 9.39 0.68 -47.33
C LYS B 62 8.59 -0.13 -48.36
N ALA B 63 7.32 -0.46 -48.08
CA ALA B 63 6.36 -1.05 -49.06
C ALA B 63 6.12 -0.09 -50.23
N ASP B 64 6.10 1.23 -49.98
CA ASP B 64 5.79 2.28 -51.00
C ASP B 64 7.07 2.80 -51.68
N VAL B 65 8.25 2.67 -51.06
CA VAL B 65 9.54 3.28 -51.52
C VAL B 65 10.66 2.24 -51.39
N GLU B 66 11.20 1.77 -52.53
CA GLU B 66 12.38 0.88 -52.63
C GLU B 66 13.64 1.76 -52.64
N ASN B 67 14.78 1.19 -52.21
CA ASN B 67 16.13 1.83 -52.21
C ASN B 67 16.04 3.16 -51.42
N VAL B 68 15.73 3.03 -50.14
CA VAL B 68 15.37 4.16 -49.22
C VAL B 68 16.61 5.01 -48.88
N ASP B 69 17.82 4.46 -48.97
CA ASP B 69 19.10 5.15 -48.64
C ASP B 69 19.39 6.27 -49.66
N THR B 70 19.21 5.99 -50.95
CA THR B 70 19.39 6.96 -52.06
C THR B 70 18.35 8.09 -51.93
N VAL B 71 17.07 7.74 -51.71
CA VAL B 71 15.87 8.63 -51.60
C VAL B 71 16.10 9.72 -50.53
N ILE B 72 16.69 9.34 -49.39
CA ILE B 72 16.96 10.27 -48.25
C ILE B 72 18.01 11.30 -48.69
N GLU B 73 19.05 10.89 -49.42
CA GLU B 73 20.13 11.80 -49.94
C GLU B 73 19.51 12.86 -50.87
N GLN B 74 18.44 12.52 -51.61
CA GLN B 74 17.68 13.47 -52.47
C GLN B 74 16.86 14.45 -51.59
N LEU B 75 16.14 13.92 -50.59
CA LEU B 75 15.27 14.68 -49.64
C LEU B 75 16.10 15.60 -48.71
N GLN B 76 17.42 15.41 -48.60
CA GLN B 76 18.32 16.11 -47.65
C GLN B 76 18.15 17.63 -47.82
N PRO B 77 18.52 18.28 -48.96
CA PRO B 77 18.38 19.73 -49.08
C PRO B 77 16.94 20.27 -49.12
N ILE B 78 15.98 19.46 -49.61
CA ILE B 78 14.53 19.82 -49.74
C ILE B 78 13.95 20.05 -48.33
N LEU B 79 14.22 19.14 -47.38
CA LEU B 79 13.68 19.14 -46.00
C LEU B 79 14.71 19.65 -44.97
N GLU B 80 15.88 20.15 -45.38
CA GLU B 80 16.94 20.66 -44.46
C GLU B 80 17.33 19.56 -43.45
N LEU B 81 17.38 18.29 -43.88
CA LEU B 81 17.81 17.16 -43.01
C LEU B 81 19.30 17.33 -42.66
N THR B 82 19.68 17.01 -41.41
CA THR B 82 21.09 17.02 -40.91
C THR B 82 21.59 15.57 -40.93
N GLN B 83 22.90 15.34 -40.81
CA GLN B 83 23.51 13.97 -40.79
C GLN B 83 22.92 13.16 -39.63
N GLU B 84 22.57 13.82 -38.51
CA GLU B 84 21.90 13.21 -37.33
C GLU B 84 20.54 12.62 -37.75
N ASP B 85 19.63 13.48 -38.25
CA ASP B 85 18.23 13.15 -38.67
C ASP B 85 18.24 11.94 -39.61
N VAL B 86 19.21 11.91 -40.54
CA VAL B 86 19.43 10.86 -41.59
C VAL B 86 19.69 9.52 -40.89
N ASP B 87 20.88 9.36 -40.29
CA ASP B 87 21.43 8.09 -39.73
C ASP B 87 20.35 7.38 -38.92
N ARG B 88 19.60 8.12 -38.11
CA ARG B 88 18.39 7.68 -37.35
C ARG B 88 17.42 6.97 -38.30
N VAL B 102 8.35 4.96 -40.12
CA VAL B 102 9.57 5.74 -39.74
C VAL B 102 9.38 7.17 -40.25
N ALA B 103 9.40 8.15 -39.32
CA ALA B 103 9.47 9.59 -39.64
C ALA B 103 10.87 9.91 -40.18
N ILE B 104 10.95 10.84 -41.14
CA ILE B 104 12.21 11.30 -41.80
C ILE B 104 12.63 12.62 -41.14
N LYS B 105 11.71 13.57 -41.05
CA LYS B 105 11.86 14.78 -40.21
C LYS B 105 10.53 15.09 -39.53
N LEU B 106 10.60 15.61 -38.32
CA LEU B 106 9.45 16.01 -37.46
C LEU B 106 9.46 17.52 -37.34
N ASN B 107 8.29 18.12 -37.11
CA ASN B 107 8.09 19.59 -37.05
C ASN B 107 8.79 20.21 -38.26
N LEU B 108 8.28 19.90 -39.47
CA LEU B 108 8.78 20.46 -40.76
C LEU B 108 8.44 21.94 -40.78
N THR B 109 9.33 22.77 -41.34
CA THR B 109 9.10 24.23 -41.48
C THR B 109 8.11 24.44 -42.64
N GLU B 110 7.42 25.58 -42.64
CA GLU B 110 6.44 25.91 -43.71
C GLU B 110 7.14 25.88 -45.07
N THR B 111 8.40 26.32 -45.10
CA THR B 111 9.30 26.27 -46.29
C THR B 111 9.49 24.82 -46.74
N ASN B 112 9.81 23.90 -45.83
CA ASN B 112 10.10 22.48 -46.19
C ASN B 112 8.86 21.87 -46.83
N ILE B 113 7.68 22.18 -46.29
CA ILE B 113 6.36 21.68 -46.76
C ILE B 113 6.14 22.18 -48.20
N ALA B 114 6.41 23.46 -48.45
CA ALA B 114 6.29 24.13 -49.76
C ALA B 114 7.25 23.52 -50.77
N LYS B 115 8.55 23.49 -50.44
CA LYS B 115 9.62 22.97 -51.33
C LYS B 115 9.36 21.49 -51.64
N PHE B 116 8.83 20.71 -50.70
CA PHE B 116 8.44 19.30 -50.93
C PHE B 116 7.22 19.24 -51.85
N SER B 117 6.20 20.06 -51.61
CA SER B 117 4.97 20.15 -52.45
C SER B 117 5.33 20.29 -53.95
N GLU B 118 6.34 21.11 -54.29
CA GLU B 118 6.83 21.33 -55.69
C GLU B 118 7.24 20.00 -56.34
N VAL B 119 7.88 19.10 -55.58
CA VAL B 119 8.52 17.84 -56.06
C VAL B 119 7.79 16.62 -55.46
N LYS B 120 6.52 16.77 -55.05
CA LYS B 120 5.71 15.77 -54.33
C LYS B 120 5.62 14.48 -55.15
N TYR B 121 5.27 14.61 -56.44
CA TYR B 121 5.16 13.54 -57.47
C TYR B 121 6.44 12.69 -57.61
N LYS B 122 7.62 13.31 -57.41
CA LYS B 122 8.96 12.69 -57.57
C LYS B 122 9.30 11.78 -56.37
N PHE B 123 8.48 11.76 -55.32
CA PHE B 123 8.57 10.85 -54.14
C PHE B 123 7.16 10.38 -53.79
N PRO B 124 6.56 9.41 -54.52
CA PRO B 124 5.26 8.85 -54.13
C PRO B 124 5.46 7.96 -52.89
N GLY B 125 4.50 7.97 -51.97
CA GLY B 125 4.56 7.14 -50.74
C GLY B 125 5.19 7.85 -49.56
N VAL B 126 6.10 8.81 -49.79
CA VAL B 126 6.56 9.82 -48.78
C VAL B 126 5.39 10.77 -48.51
N ARG B 127 4.73 10.65 -47.36
CA ARG B 127 3.52 11.44 -47.00
C ARG B 127 3.91 12.49 -45.94
N ILE B 128 3.21 13.62 -45.94
CA ILE B 128 3.31 14.69 -44.90
C ILE B 128 2.10 14.50 -43.98
N GLU B 129 2.35 14.24 -42.69
CA GLU B 129 1.31 13.80 -41.70
C GLU B 129 1.30 14.74 -40.50
N THR B 130 0.10 15.00 -39.97
CA THR B 130 -0.19 15.72 -38.70
C THR B 130 0.02 14.74 -37.55
N GLN B 131 1.10 14.92 -36.76
CA GLN B 131 1.25 14.26 -35.43
C GLN B 131 1.38 15.32 -34.33
N MET B 132 1.07 14.92 -33.10
CA MET B 132 1.09 15.79 -31.89
C MET B 132 2.45 15.64 -31.19
N THR B 133 3.15 16.74 -30.92
CA THR B 133 4.41 16.74 -30.11
C THR B 133 4.05 17.10 -28.66
N ARG B 134 4.95 16.77 -27.72
CA ARG B 134 4.83 17.09 -26.27
C ARG B 134 5.67 18.35 -26.00
N TYR B 135 5.11 19.28 -25.22
CA TYR B 135 5.79 20.55 -24.85
C TYR B 135 5.71 20.73 -23.33
N TYR B 136 6.81 21.21 -22.73
CA TYR B 136 6.95 21.56 -21.30
C TYR B 136 7.15 23.06 -21.20
N PRO B 137 6.08 23.87 -21.07
CA PRO B 137 6.20 25.33 -20.94
C PRO B 137 7.16 25.89 -19.88
N HIS B 138 7.43 25.12 -18.80
CA HIS B 138 8.36 25.48 -17.70
C HIS B 138 9.33 24.31 -17.50
N GLY B 139 10.03 23.94 -18.56
CA GLY B 139 10.90 22.74 -18.64
C GLY B 139 11.73 22.50 -17.38
N ASP B 140 12.73 23.35 -17.14
CA ASP B 140 13.74 23.15 -16.06
C ASP B 140 13.02 23.16 -14.71
N LEU B 141 12.01 24.01 -14.54
CA LEU B 141 11.31 24.21 -13.24
C LEU B 141 10.74 22.88 -12.71
N PHE B 142 10.10 22.08 -13.57
CA PHE B 142 9.40 20.83 -13.18
C PHE B 142 10.02 19.59 -13.86
N ALA B 143 11.25 19.69 -14.38
CA ALA B 143 11.91 18.59 -15.12
C ALA B 143 12.03 17.39 -14.20
N HIS B 144 12.47 17.58 -12.96
CA HIS B 144 12.74 16.49 -11.98
C HIS B 144 11.43 15.94 -11.37
N VAL B 145 10.27 16.51 -11.68
CA VAL B 145 8.94 15.98 -11.27
C VAL B 145 8.24 15.34 -12.48
N ILE B 146 8.01 16.12 -13.53
CA ILE B 146 7.23 15.67 -14.74
C ILE B 146 8.10 14.77 -15.61
N GLY B 147 9.37 15.09 -15.76
CA GLY B 147 10.29 14.30 -16.63
C GLY B 147 10.02 14.61 -18.08
N TYR B 148 10.20 13.61 -18.95
CA TYR B 148 10.01 13.76 -20.40
C TYR B 148 9.41 12.47 -20.97
N VAL B 149 8.66 12.62 -22.07
CA VAL B 149 8.37 11.54 -23.05
C VAL B 149 9.53 11.47 -24.04
N GLY B 150 9.61 10.37 -24.77
CA GLY B 150 10.59 10.14 -25.84
C GLY B 150 10.02 9.18 -26.87
N ARG B 151 10.75 8.91 -27.96
CA ARG B 151 10.29 7.98 -29.02
C ARG B 151 10.28 6.55 -28.45
N ILE B 152 9.30 5.72 -28.85
CA ILE B 152 9.13 4.33 -28.32
C ILE B 152 10.27 3.45 -28.86
N ASN B 153 11.23 3.07 -28.02
CA ASN B 153 12.36 2.21 -28.43
C ASN B 153 11.86 0.74 -28.48
N ASP B 154 12.75 -0.19 -28.83
CA ASP B 154 12.38 -1.58 -29.22
C ASP B 154 12.17 -2.44 -27.97
N LYS B 155 12.93 -2.24 -26.88
CA LYS B 155 12.74 -2.93 -25.58
C LYS B 155 11.29 -2.70 -25.09
N GLU B 156 10.85 -1.44 -25.10
CA GLU B 156 9.48 -1.03 -24.72
C GLU B 156 8.45 -1.73 -25.64
N LEU B 157 8.68 -1.70 -26.97
CA LEU B 157 7.76 -2.26 -28.02
C LEU B 157 7.39 -3.72 -27.72
N LYS B 158 8.35 -4.53 -27.26
CA LYS B 158 8.19 -5.99 -27.01
C LYS B 158 7.76 -6.27 -25.56
N SER B 159 7.30 -5.27 -24.80
CA SER B 159 6.60 -5.47 -23.49
C SER B 159 5.21 -4.81 -23.49
N ILE B 160 4.78 -4.23 -24.62
CA ILE B 160 3.68 -3.22 -24.69
C ILE B 160 2.54 -3.83 -25.53
N ASP B 161 1.28 -3.56 -25.14
CA ASP B 161 0.06 -3.92 -25.92
C ASP B 161 0.06 -3.12 -27.23
N LYS B 162 0.43 -3.78 -28.35
CA LYS B 162 0.61 -3.15 -29.69
C LYS B 162 -0.69 -2.44 -30.12
N ASP B 163 -1.86 -3.04 -29.81
CA ASP B 163 -3.21 -2.52 -30.17
C ASP B 163 -3.47 -1.19 -29.46
N LEU B 164 -3.02 -1.05 -28.20
CA LEU B 164 -3.21 0.17 -27.39
C LEU B 164 -2.29 1.27 -27.92
N TYR B 165 -1.00 0.95 -28.11
CA TYR B 165 0.07 1.89 -28.58
C TYR B 165 0.21 1.88 -30.11
N ALA B 166 -0.78 1.33 -30.83
CA ALA B 166 -0.99 1.51 -32.29
C ALA B 166 -1.06 3.01 -32.65
N GLY B 167 -0.07 3.50 -33.39
CA GLY B 167 -0.07 4.87 -33.93
C GLY B 167 0.46 5.89 -32.94
N THR B 168 0.57 5.55 -31.64
CA THR B 168 1.25 6.36 -30.61
C THR B 168 2.77 6.31 -30.87
N ASN B 169 3.40 7.49 -31.00
CA ASN B 169 4.86 7.66 -31.25
C ASN B 169 5.62 7.92 -29.94
N LEU B 170 5.02 8.63 -28.99
CA LEU B 170 5.68 9.10 -27.74
C LEU B 170 5.23 8.24 -26.54
N ILE B 171 6.18 7.87 -25.68
CA ILE B 171 5.92 7.19 -24.37
C ILE B 171 6.75 7.87 -23.27
N GLY B 172 6.21 7.91 -22.04
CA GLY B 172 6.90 8.41 -20.83
C GLY B 172 8.19 7.68 -20.58
N LYS B 173 9.24 8.41 -20.19
CA LYS B 173 10.61 7.86 -19.97
C LYS B 173 10.99 7.96 -18.50
N ILE B 174 10.81 9.13 -17.88
CA ILE B 174 11.04 9.37 -16.42
C ILE B 174 9.96 10.33 -15.89
N GLY B 175 9.93 10.51 -14.57
CA GLY B 175 9.03 11.45 -13.87
C GLY B 175 7.57 11.06 -13.99
N VAL B 176 6.67 12.01 -13.70
CA VAL B 176 5.20 11.82 -13.79
C VAL B 176 4.88 11.16 -15.12
N GLU B 177 5.55 11.57 -16.21
CA GLU B 177 5.31 11.05 -17.59
C GLU B 177 5.46 9.52 -17.62
N LYS B 178 6.44 8.95 -16.91
CA LYS B 178 6.59 7.46 -16.84
C LYS B 178 5.64 6.90 -15.78
N SER B 179 5.68 7.42 -14.56
CA SER B 179 4.93 6.86 -13.41
C SER B 179 3.42 6.87 -13.68
N TYR B 180 2.89 7.82 -14.46
CA TYR B 180 1.46 7.89 -14.87
C TYR B 180 1.28 7.76 -16.39
N GLU B 181 2.16 6.99 -17.06
CA GLU B 181 2.09 6.72 -18.51
C GLU B 181 0.68 6.28 -18.86
N ASP B 182 0.19 5.21 -18.24
CA ASP B 182 -1.12 4.62 -18.60
C ASP B 182 -2.22 5.67 -18.41
N LEU B 183 -2.24 6.39 -17.28
CA LEU B 183 -3.33 7.35 -16.99
C LEU B 183 -3.27 8.49 -18.01
N LEU B 184 -2.07 8.94 -18.39
CA LEU B 184 -1.85 10.02 -19.39
C LEU B 184 -2.07 9.55 -20.84
N HIS B 185 -1.84 8.28 -21.17
CA HIS B 185 -1.81 7.78 -22.57
C HIS B 185 -3.12 8.01 -23.31
N GLY B 186 -4.25 7.58 -22.72
CA GLY B 186 -5.57 7.54 -23.36
C GLY B 186 -5.85 6.17 -23.96
N THR B 187 -6.97 6.04 -24.67
CA THR B 187 -7.44 4.82 -25.40
C THR B 187 -7.59 5.15 -26.88
N PRO B 188 -7.00 4.35 -27.80
CA PRO B 188 -7.11 4.63 -29.24
C PRO B 188 -8.49 4.30 -29.81
N GLY B 189 -8.80 4.89 -30.98
CA GLY B 189 -9.96 4.59 -31.84
C GLY B 189 -9.53 4.05 -33.20
N TYR B 190 -10.39 4.20 -34.22
CA TYR B 190 -10.15 3.72 -35.61
C TYR B 190 -11.10 4.41 -36.60
N GLU B 191 -10.74 4.33 -37.89
CA GLU B 191 -11.41 5.00 -39.04
C GLU B 191 -11.79 3.97 -40.12
N ARG B 207 -15.68 5.36 -38.27
CA ARG B 207 -15.08 6.30 -37.27
C ARG B 207 -15.50 5.92 -35.85
N LYS B 208 -14.60 5.29 -35.08
CA LYS B 208 -14.62 5.24 -33.58
C LYS B 208 -13.61 6.28 -33.10
N ASP B 209 -14.08 7.34 -32.44
CA ASP B 209 -13.18 8.42 -31.95
C ASP B 209 -12.28 7.83 -30.86
N PRO B 210 -11.03 8.34 -30.71
CA PRO B 210 -10.17 7.94 -29.59
C PRO B 210 -10.65 8.59 -28.28
N THR B 211 -10.24 8.01 -27.14
CA THR B 211 -10.46 8.60 -25.79
C THR B 211 -9.15 9.24 -25.32
N ARG B 212 -9.15 10.54 -25.04
CA ARG B 212 -7.88 11.25 -24.74
C ARG B 212 -7.40 10.78 -23.37
N GLY B 213 -6.09 10.87 -23.16
CA GLY B 213 -5.43 10.72 -21.86
C GLY B 213 -6.13 11.54 -20.78
N ASN B 214 -6.07 11.07 -19.55
CA ASN B 214 -6.60 11.83 -18.40
C ASN B 214 -5.64 12.99 -18.13
N ASP B 215 -6.18 14.16 -17.80
CA ASP B 215 -5.38 15.28 -17.26
C ASP B 215 -5.00 14.97 -15.81
N LEU B 216 -3.77 15.30 -15.40
CA LEU B 216 -3.28 15.24 -14.00
C LEU B 216 -3.17 16.68 -13.49
N TYR B 217 -3.73 16.95 -12.33
CA TYR B 217 -3.39 18.14 -11.53
C TYR B 217 -2.40 17.67 -10.45
N LEU B 218 -1.14 18.09 -10.52
CA LEU B 218 -0.16 17.76 -9.45
C LEU B 218 -0.52 18.55 -8.19
N SER B 219 -0.02 18.07 -7.05
CA SER B 219 -0.10 18.75 -5.73
C SER B 219 0.92 19.89 -5.69
N LEU B 220 1.94 19.86 -6.56
CA LEU B 220 2.99 20.90 -6.59
C LEU B 220 2.36 22.25 -6.95
N ASP B 221 2.92 23.34 -6.40
CA ASP B 221 2.48 24.74 -6.57
C ASP B 221 3.55 25.48 -7.39
N TYR B 222 3.17 26.03 -8.55
CA TYR B 222 4.06 26.78 -9.48
C TYR B 222 4.93 27.76 -8.67
N GLY B 223 4.27 28.66 -7.93
CA GLY B 223 4.92 29.70 -7.13
C GLY B 223 5.95 29.13 -6.16
N LEU B 224 5.56 28.15 -5.36
CA LEU B 224 6.46 27.54 -4.36
C LEU B 224 7.66 26.89 -5.08
N GLN B 225 7.41 26.22 -6.21
CA GLN B 225 8.47 25.53 -7.01
C GLN B 225 9.47 26.59 -7.49
N VAL B 226 8.99 27.75 -7.96
CA VAL B 226 9.84 28.89 -8.44
C VAL B 226 10.76 29.31 -7.29
N VAL B 227 10.18 29.66 -6.14
CA VAL B 227 10.91 30.18 -4.95
C VAL B 227 11.98 29.16 -4.53
N ALA B 228 11.60 27.90 -4.36
CA ALA B 228 12.52 26.81 -3.98
C ALA B 228 13.66 26.69 -5.01
N SER B 229 13.33 26.78 -6.31
CA SER B 229 14.31 26.67 -7.43
C SER B 229 15.28 27.84 -7.38
N GLN B 230 14.74 29.05 -7.15
CA GLN B 230 15.53 30.30 -6.99
C GLN B 230 16.61 30.08 -5.92
N GLN B 231 16.26 29.46 -4.80
CA GLN B 231 17.16 29.29 -3.63
C GLN B 231 18.34 28.38 -4.00
N LEU B 232 18.16 27.42 -4.89
CA LEU B 232 19.24 26.45 -5.25
C LEU B 232 19.86 26.83 -6.60
N ALA B 233 19.48 27.96 -7.21
CA ALA B 233 20.07 28.51 -8.44
C ALA B 233 21.59 28.60 -8.28
N GLY B 234 22.33 27.89 -9.13
CA GLY B 234 23.81 27.87 -9.10
C GLY B 234 24.38 27.13 -7.91
N ARG B 235 23.56 26.31 -7.23
CA ARG B 235 23.98 25.50 -6.06
C ARG B 235 23.54 24.07 -6.34
N ARG B 236 24.30 23.07 -5.90
CA ARG B 236 23.88 21.65 -5.91
C ARG B 236 23.06 21.37 -4.64
N GLY B 237 22.01 20.57 -4.76
CA GLY B 237 21.19 20.14 -3.61
C GLY B 237 19.75 19.91 -3.99
N ALA B 238 18.88 19.95 -2.99
CA ALA B 238 17.48 19.52 -3.12
C ALA B 238 16.62 20.20 -2.05
N ILE B 239 15.39 20.54 -2.41
CA ILE B 239 14.34 21.03 -1.49
C ILE B 239 13.07 20.22 -1.81
N VAL B 240 12.50 19.57 -0.80
CA VAL B 240 11.16 18.92 -0.84
C VAL B 240 10.30 19.65 0.19
N ALA B 241 9.10 20.09 -0.18
CA ALA B 241 8.05 20.57 0.74
C ALA B 241 6.89 19.57 0.69
N ILE B 242 6.32 19.23 1.85
CA ILE B 242 5.18 18.27 1.97
C ILE B 242 4.11 18.95 2.82
N ASP B 243 2.83 18.82 2.43
CA ASP B 243 1.68 19.12 3.34
C ASP B 243 1.64 18.00 4.37
N PRO B 244 1.95 18.24 5.67
CA PRO B 244 2.00 17.14 6.65
C PRO B 244 0.61 16.52 6.90
N ARG B 245 -0.46 17.27 6.63
CA ARG B 245 -1.84 16.77 6.81
C ARG B 245 -2.18 15.66 5.82
N THR B 246 -1.49 15.57 4.67
CA THR B 246 -1.88 14.68 3.54
C THR B 246 -0.71 13.88 2.97
N GLY B 247 0.52 14.41 2.96
CA GLY B 247 1.64 13.78 2.22
C GLY B 247 1.75 14.32 0.80
N GLU B 248 0.93 15.30 0.44
CA GLU B 248 1.04 16.05 -0.83
C GLU B 248 2.40 16.74 -0.86
N ILE B 249 3.18 16.49 -1.91
CA ILE B 249 4.40 17.24 -2.24
C ILE B 249 3.97 18.57 -2.86
N LEU B 250 4.31 19.69 -2.22
CA LEU B 250 3.98 21.09 -2.64
C LEU B 250 5.11 21.67 -3.50
N ALA B 251 6.35 21.19 -3.32
CA ALA B 251 7.50 21.57 -4.16
C ALA B 251 8.50 20.42 -4.12
N LEU B 252 9.20 20.18 -5.22
CA LEU B 252 10.26 19.14 -5.31
C LEU B 252 11.34 19.63 -6.28
N VAL B 253 12.46 20.11 -5.76
CA VAL B 253 13.55 20.72 -6.55
C VAL B 253 14.82 19.88 -6.34
N SER B 254 15.39 19.39 -7.42
CA SER B 254 16.79 18.91 -7.49
C SER B 254 17.53 19.90 -8.40
N SER B 255 18.72 20.33 -7.98
CA SER B 255 19.54 21.38 -8.63
C SER B 255 20.95 20.82 -8.88
N PRO B 256 21.55 21.01 -10.07
CA PRO B 256 20.93 21.71 -11.21
C PRO B 256 19.85 20.85 -11.90
N SER B 257 19.04 21.54 -12.71
CA SER B 257 17.95 20.98 -13.53
C SER B 257 18.44 20.83 -14.97
N PHE B 258 17.53 20.59 -15.91
CA PHE B 258 17.81 20.41 -17.35
C PHE B 258 16.53 20.75 -18.11
N ASN B 259 16.63 20.90 -19.43
CA ASN B 259 15.46 21.15 -20.31
C ASN B 259 14.97 19.79 -20.78
N PRO B 260 13.75 19.35 -20.36
CA PRO B 260 13.21 18.08 -20.83
C PRO B 260 12.69 18.12 -22.29
N ASN B 261 12.46 19.31 -22.85
CA ASN B 261 12.04 19.49 -24.27
C ASN B 261 13.11 18.93 -25.22
N LEU B 262 14.38 18.90 -24.80
CA LEU B 262 15.50 18.30 -25.59
C LEU B 262 15.27 16.82 -25.86
N PHE B 263 14.47 16.12 -25.04
CA PHE B 263 14.32 14.63 -25.10
C PHE B 263 13.10 14.20 -25.93
N VAL B 264 12.14 15.11 -26.18
CA VAL B 264 10.78 14.80 -26.73
C VAL B 264 10.93 14.17 -28.12
N THR B 265 11.53 14.91 -29.07
CA THR B 265 11.78 14.48 -30.48
C THR B 265 12.81 13.34 -30.54
N GLY B 266 13.91 13.47 -29.80
CA GLY B 266 15.07 12.57 -29.83
C GLY B 266 16.31 13.41 -29.60
N ILE B 267 17.01 13.21 -28.48
CA ILE B 267 18.10 14.13 -28.03
C ILE B 267 19.38 13.79 -28.81
N ASN B 268 20.02 14.81 -29.40
CA ASN B 268 21.28 14.66 -30.18
C ASN B 268 22.43 14.30 -29.21
N HIS B 269 23.26 13.31 -29.57
CA HIS B 269 24.37 12.75 -28.76
C HIS B 269 25.32 13.86 -28.27
N LYS B 270 25.39 15.00 -28.99
CA LYS B 270 26.08 16.24 -28.53
C LYS B 270 25.40 16.78 -27.26
N ASP B 271 24.09 17.08 -27.33
CA ASP B 271 23.30 17.67 -26.21
C ASP B 271 23.20 16.73 -25.00
N TYR B 272 22.99 15.43 -25.22
CA TYR B 272 22.88 14.41 -24.15
C TYR B 272 24.20 14.27 -23.39
N SER B 273 25.33 14.20 -24.12
CA SER B 273 26.67 13.97 -23.52
C SER B 273 27.11 15.20 -22.72
N SER B 274 26.68 16.41 -23.10
CA SER B 274 26.83 17.66 -22.30
C SER B 274 26.26 17.42 -20.89
N LEU B 275 25.01 16.95 -20.84
CA LEU B 275 24.23 16.72 -19.59
C LEU B 275 24.78 15.49 -18.86
N ARG B 276 25.04 14.36 -19.53
CA ARG B 276 25.50 13.12 -18.86
C ARG B 276 26.95 13.31 -18.35
N ASP B 277 27.85 13.91 -19.14
CA ASP B 277 29.28 14.11 -18.75
C ASP B 277 29.46 15.36 -17.88
N ASN B 278 28.45 16.24 -17.73
CA ASN B 278 28.52 17.40 -16.80
C ASN B 278 28.77 16.87 -15.38
N ILE B 279 29.68 17.52 -14.66
CA ILE B 279 30.19 17.13 -13.31
C ILE B 279 29.12 17.45 -12.26
N ASP B 280 28.33 18.52 -12.44
CA ASP B 280 27.23 18.90 -11.50
C ASP B 280 26.01 17.97 -11.61
N GLN B 281 25.97 17.04 -12.58
CA GLN B 281 25.02 15.88 -12.65
C GLN B 281 23.58 16.38 -12.70
N PRO B 282 23.18 17.17 -13.74
CA PRO B 282 21.85 17.77 -13.77
C PRO B 282 20.71 16.76 -14.04
N LEU B 283 21.01 15.65 -14.70
CA LEU B 283 20.02 14.57 -14.95
C LEU B 283 19.71 13.78 -13.68
N TYR B 284 20.50 13.91 -12.62
CA TYR B 284 20.36 13.15 -11.35
C TYR B 284 19.35 13.86 -10.44
N ASN B 285 18.36 13.10 -9.97
CA ASN B 285 17.28 13.58 -9.08
C ASN B 285 17.72 13.43 -7.63
N ARG B 286 18.29 14.49 -7.07
CA ARG B 286 18.85 14.50 -5.70
C ARG B 286 17.73 14.34 -4.66
N ALA B 287 16.51 14.82 -4.97
CA ALA B 287 15.34 14.75 -4.08
C ALA B 287 14.83 13.31 -3.96
N VAL B 288 14.87 12.52 -5.03
CA VAL B 288 14.18 11.20 -5.14
C VAL B 288 15.19 10.04 -5.14
N GLN B 289 16.31 10.14 -5.87
CA GLN B 289 17.36 9.11 -5.92
C GLN B 289 18.48 9.43 -4.91
N GLY B 290 18.88 10.70 -4.82
CA GLY B 290 20.00 11.16 -3.98
C GLY B 290 19.82 10.76 -2.53
N VAL B 291 20.87 10.23 -1.90
CA VAL B 291 20.88 9.83 -0.47
C VAL B 291 22.02 10.57 0.22
N TYR B 292 21.75 11.08 1.42
CA TYR B 292 22.68 11.89 2.24
C TYR B 292 22.69 11.36 3.67
N PRO B 293 23.84 11.42 4.39
CA PRO B 293 23.83 11.25 5.84
C PRO B 293 22.91 12.33 6.42
N PRO B 294 21.84 11.97 7.14
CA PRO B 294 20.91 12.98 7.61
C PRO B 294 21.47 13.85 8.73
N GLY B 295 22.51 13.37 9.42
CA GLY B 295 23.16 14.10 10.53
C GLY B 295 22.18 14.38 11.64
N SER B 296 22.30 15.53 12.29
CA SER B 296 21.51 15.89 13.49
C SER B 296 20.02 16.06 13.15
N THR B 297 19.63 16.03 11.88
CA THR B 297 18.22 16.24 11.45
C THR B 297 17.32 15.15 12.05
N ILE B 298 17.86 13.96 12.30
CA ILE B 298 17.11 12.75 12.75
C ILE B 298 17.02 12.69 14.26
N LYS B 299 17.63 13.63 14.98
CA LYS B 299 17.62 13.64 16.47
C LYS B 299 16.19 13.82 17.01
N PRO B 300 15.36 14.76 16.51
CA PRO B 300 14.05 15.00 17.09
C PRO B 300 13.16 13.74 17.09
N MET B 301 13.30 12.92 16.06
CA MET B 301 12.51 11.67 15.91
C MET B 301 13.05 10.62 16.87
N GLU B 302 14.39 10.50 16.98
CA GLU B 302 15.05 9.49 17.83
C GLU B 302 14.69 9.78 19.30
N ALA B 303 14.54 11.05 19.64
CA ALA B 303 14.12 11.50 20.98
C ALA B 303 12.72 10.95 21.29
N MET B 304 11.78 11.07 20.34
CA MET B 304 10.40 10.53 20.49
C MET B 304 10.49 9.02 20.72
N GLY B 305 11.42 8.33 20.04
CA GLY B 305 11.74 6.90 20.27
C GLY B 305 12.13 6.63 21.71
N GLY B 306 12.98 7.49 22.27
CA GLY B 306 13.33 7.48 23.70
C GLY B 306 12.08 7.52 24.58
N LEU B 307 11.16 8.45 24.31
CA LEU B 307 9.92 8.60 25.13
C LEU B 307 9.03 7.36 24.95
N HIS B 308 8.95 6.82 23.73
CA HIS B 308 8.09 5.67 23.37
C HIS B 308 8.51 4.43 24.17
N TYR B 309 9.78 4.06 24.09
CA TYR B 309 10.35 2.86 24.77
C TYR B 309 10.43 3.05 26.29
N GLY B 310 10.12 4.24 26.83
CA GLY B 310 10.09 4.51 28.27
C GLY B 310 11.48 4.68 28.85
N ILE B 311 12.51 4.82 28.01
CA ILE B 311 13.95 4.92 28.41
C ILE B 311 14.15 6.27 29.10
N VAL B 312 13.87 7.36 28.40
CA VAL B 312 14.03 8.74 28.96
C VAL B 312 12.62 9.31 29.17
N ASP B 313 12.54 10.39 29.96
CA ASP B 313 11.42 11.35 29.90
C ASP B 313 12.03 12.74 29.69
N TRP B 314 11.22 13.79 29.76
CA TRP B 314 11.65 15.19 29.45
C TRP B 314 12.63 15.69 30.51
N ALA B 315 12.53 15.19 31.76
CA ALA B 315 13.36 15.59 32.91
C ALA B 315 14.70 14.83 32.95
N THR B 316 14.76 13.56 32.50
CA THR B 316 16.02 12.76 32.48
C THR B 316 17.16 13.62 31.93
N ALA B 317 18.17 13.90 32.76
CA ALA B 317 19.38 14.69 32.40
C ALA B 317 20.60 13.76 32.35
N ILE B 318 21.65 14.17 31.64
CA ILE B 318 22.95 13.44 31.57
C ILE B 318 24.08 14.46 31.81
N SER B 319 25.11 14.02 32.55
CA SER B 319 26.42 14.70 32.61
C SER B 319 27.05 14.60 31.22
N ASP B 320 27.31 15.75 30.58
CA ASP B 320 27.95 15.81 29.24
C ASP B 320 29.39 16.30 29.43
N PRO B 321 30.40 15.38 29.46
CA PRO B 321 31.80 15.78 29.48
C PRO B 321 32.36 16.10 28.08
N GLY B 322 31.52 16.02 27.04
CA GLY B 322 31.87 16.27 25.63
C GLY B 322 32.30 15.00 24.91
N TYR B 323 32.03 13.83 25.51
CA TYR B 323 32.31 12.48 24.96
C TYR B 323 31.48 11.41 25.70
N PHE B 324 31.48 10.18 25.17
CA PHE B 324 30.87 8.96 25.77
C PHE B 324 31.86 7.80 25.64
N PHE B 333 34.13 8.47 21.49
CA PHE B 333 32.84 9.00 20.97
C PHE B 333 32.70 10.47 21.39
N ARG B 334 32.80 11.41 20.45
CA ARG B 334 32.96 12.85 20.76
C ARG B 334 31.66 13.59 20.44
N ASP B 335 31.23 14.48 21.33
CA ASP B 335 30.16 15.46 21.05
C ASP B 335 30.73 16.48 20.06
N TRP B 336 29.89 17.12 19.24
CA TRP B 336 30.33 18.20 18.31
C TRP B 336 31.10 19.28 19.08
N LYS B 337 30.79 19.49 20.38
CA LYS B 337 31.55 20.35 21.33
C LYS B 337 32.30 19.48 22.35
N LYS B 338 33.64 19.50 22.31
CA LYS B 338 34.55 18.68 23.19
C LYS B 338 34.45 19.09 24.66
N THR B 339 34.03 20.34 24.97
CA THR B 339 33.73 20.75 26.37
C THR B 339 32.37 20.19 26.83
N GLY B 340 31.46 19.84 25.90
CA GLY B 340 30.12 19.34 26.20
C GLY B 340 29.14 20.48 26.47
N HIS B 341 27.91 20.15 26.86
CA HIS B 341 26.77 21.09 27.09
C HIS B 341 26.35 21.05 28.57
N GLY B 342 27.16 20.42 29.44
CA GLY B 342 26.94 20.34 30.90
C GLY B 342 25.87 19.31 31.28
N ILE B 343 24.82 19.76 32.01
CA ILE B 343 23.65 18.95 32.44
C ILE B 343 22.60 19.05 31.31
N VAL B 344 22.39 17.96 30.56
CA VAL B 344 21.66 17.93 29.25
C VAL B 344 20.42 17.04 29.41
N ASN B 345 19.23 17.67 29.36
CA ASN B 345 17.92 16.98 29.21
C ASN B 345 17.54 16.99 27.72
N MET B 346 16.40 16.37 27.38
CA MET B 346 15.93 16.20 25.97
C MET B 346 15.84 17.57 25.28
N HIS B 347 15.16 18.53 25.90
CA HIS B 347 15.03 19.92 25.39
C HIS B 347 16.42 20.47 25.04
N LYS B 348 17.41 20.34 25.93
CA LYS B 348 18.76 20.91 25.71
C LYS B 348 19.44 20.14 24.56
N ALA B 349 19.29 18.80 24.53
CA ALA B 349 19.87 17.93 23.48
C ALA B 349 19.41 18.39 22.09
N ILE B 350 18.15 18.81 21.94
CA ILE B 350 17.55 19.30 20.66
C ILE B 350 18.07 20.69 20.30
N ILE B 351 17.94 21.70 21.19
CA ILE B 351 18.29 23.13 20.87
C ILE B 351 19.78 23.27 20.62
N MET B 352 20.62 22.47 21.31
CA MET B 352 22.10 22.53 21.20
C MET B 352 22.64 21.31 20.44
N SER B 353 21.80 20.42 19.89
CA SER B 353 22.20 19.29 18.99
C SER B 353 23.16 18.33 19.71
N CYS B 354 23.02 18.15 21.03
CA CYS B 354 24.00 17.42 21.87
C CYS B 354 24.12 15.98 21.38
N ASP B 355 25.28 15.59 20.84
CA ASP B 355 25.56 14.20 20.36
C ASP B 355 25.63 13.22 21.54
N THR B 356 26.02 13.68 22.73
CA THR B 356 26.29 12.80 23.91
C THR B 356 24.95 12.16 24.36
N TYR B 357 23.91 12.97 24.58
CA TYR B 357 22.54 12.55 24.96
C TYR B 357 22.07 11.38 24.10
N PHE B 358 22.30 11.46 22.79
CA PHE B 358 21.81 10.50 21.76
C PHE B 358 22.72 9.27 21.69
N TYR B 359 24.02 9.39 21.97
CA TYR B 359 24.94 8.23 22.12
C TYR B 359 24.48 7.36 23.28
N ILE B 360 24.15 7.99 24.41
CA ILE B 360 23.64 7.36 25.66
C ILE B 360 22.28 6.71 25.38
N LEU B 361 21.37 7.45 24.74
CA LEU B 361 19.97 7.00 24.46
C LEU B 361 19.99 5.79 23.52
N ALA B 362 20.73 5.88 22.42
CA ALA B 362 20.86 4.81 21.41
C ALA B 362 21.48 3.54 22.02
N ASN B 363 22.47 3.70 22.90
CA ASN B 363 23.18 2.56 23.52
C ASN B 363 22.20 1.74 24.36
N GLN B 364 21.33 2.41 25.13
CA GLN B 364 20.25 1.80 25.93
C GLN B 364 19.19 1.18 25.01
N MET B 365 18.75 1.94 24.00
CA MET B 365 17.69 1.54 23.03
C MET B 365 18.15 0.30 22.24
N GLY B 366 19.37 0.32 21.70
CA GLY B 366 19.91 -0.78 20.88
C GLY B 366 19.44 -0.67 19.45
N ILE B 367 20.20 -1.21 18.49
CA ILE B 367 19.98 -0.99 17.04
C ILE B 367 18.62 -1.55 16.59
N ASP B 368 18.23 -2.73 17.07
CA ASP B 368 16.98 -3.40 16.61
C ASP B 368 15.76 -2.56 17.01
N GLN B 369 15.77 -1.92 18.19
CA GLN B 369 14.66 -1.04 18.65
C GLN B 369 14.74 0.33 17.95
N MET B 370 15.95 0.80 17.58
CA MET B 370 16.12 2.03 16.77
C MET B 370 15.54 1.81 15.36
N ASN B 371 15.82 0.66 14.73
CA ASN B 371 15.23 0.27 13.42
C ASN B 371 13.70 0.32 13.47
N GLN B 372 13.11 -0.47 14.37
CA GLN B 372 11.63 -0.60 14.51
C GLN B 372 11.01 0.80 14.57
N TRP B 373 11.62 1.72 15.32
CA TRP B 373 11.03 3.03 15.62
C TRP B 373 11.27 4.01 14.47
N MET B 374 12.53 4.17 14.07
CA MET B 374 12.93 5.12 13.01
C MET B 374 12.26 4.77 11.68
N ARG B 375 12.04 3.48 11.40
CA ARG B 375 11.37 3.04 10.15
C ARG B 375 9.89 3.51 10.09
N GLN B 376 9.25 3.79 11.23
CA GLN B 376 7.88 4.37 11.29
C GLN B 376 7.82 5.78 10.68
N PHE B 377 8.95 6.50 10.64
CA PHE B 377 9.09 7.87 10.08
C PHE B 377 9.46 7.85 8.58
N GLY B 378 9.75 6.68 8.02
CA GLY B 378 9.96 6.52 6.56
C GLY B 378 11.39 6.15 6.21
N PHE B 379 12.31 6.17 7.18
CA PHE B 379 13.75 5.88 6.96
C PHE B 379 13.95 4.42 6.60
N GLY B 380 14.87 4.13 5.69
CA GLY B 380 15.37 2.77 5.44
C GLY B 380 14.61 2.02 4.37
N GLN B 381 13.41 2.47 3.96
CA GLN B 381 12.70 1.91 2.79
C GLN B 381 12.08 3.05 1.96
N LYS B 382 11.80 2.77 0.69
CA LYS B 382 11.10 3.72 -0.22
C LYS B 382 9.91 4.31 0.53
N THR B 383 9.70 5.62 0.43
CA THR B 383 8.51 6.34 0.98
C THR B 383 7.23 5.90 0.26
N GLY B 384 7.35 5.39 -0.97
CA GLY B 384 6.21 5.01 -1.84
C GLY B 384 5.73 6.16 -2.70
N VAL B 385 6.59 7.12 -3.04
CA VAL B 385 6.23 8.28 -3.90
C VAL B 385 5.80 7.74 -5.27
N ASP B 386 4.88 8.46 -5.92
CA ASP B 386 4.32 8.17 -7.27
C ASP B 386 5.22 8.77 -8.34
N LEU B 387 6.53 8.52 -8.23
CA LEU B 387 7.57 8.90 -9.21
C LEU B 387 8.46 7.68 -9.36
N PRO B 388 9.13 7.46 -10.52
CA PRO B 388 9.99 6.28 -10.66
C PRO B 388 11.27 6.43 -9.87
N SER B 389 11.97 5.32 -9.67
CA SER B 389 13.42 5.26 -9.33
C SER B 389 13.71 5.82 -7.94
N GLU B 390 12.74 5.83 -7.02
CA GLU B 390 12.93 6.29 -5.61
C GLU B 390 13.96 5.38 -4.94
N SER B 391 14.94 5.97 -4.26
CA SER B 391 15.99 5.23 -3.52
C SER B 391 15.43 4.76 -2.17
N GLU B 392 15.90 3.61 -1.70
CA GLU B 392 15.51 3.01 -0.39
C GLU B 392 16.07 3.84 0.76
N GLY B 393 17.20 4.54 0.53
CA GLY B 393 18.06 4.99 1.63
C GLY B 393 18.63 3.78 2.33
N LEU B 394 19.11 3.95 3.56
CA LEU B 394 19.59 2.81 4.37
C LEU B 394 19.56 3.20 5.85
N TYR B 395 18.73 2.51 6.63
CA TYR B 395 18.83 2.50 8.11
C TYR B 395 19.59 1.22 8.45
N PRO B 396 20.87 1.29 8.90
CA PRO B 396 21.67 0.07 9.06
C PRO B 396 21.10 -0.81 10.18
N ASN B 397 21.16 -2.12 9.98
CA ASN B 397 20.67 -3.17 10.93
C ASN B 397 21.64 -4.35 10.88
N PRO B 398 21.63 -5.26 11.90
CA PRO B 398 22.45 -6.48 11.87
C PRO B 398 22.24 -7.39 10.65
N GLU B 399 21.00 -7.58 10.20
CA GLU B 399 20.69 -8.44 9.02
C GLU B 399 21.36 -7.86 7.76
N TRP B 400 21.31 -6.54 7.58
CA TRP B 400 22.00 -5.80 6.48
C TRP B 400 23.52 -6.06 6.55
N LYS B 401 24.11 -5.95 7.75
CA LYS B 401 25.56 -6.17 7.98
C LYS B 401 25.93 -7.61 7.60
N MET B 402 25.11 -8.61 8.00
CA MET B 402 25.36 -10.06 7.75
C MET B 402 25.26 -10.37 6.25
N ARG B 403 24.46 -9.62 5.47
CA ARG B 403 24.33 -9.83 4.00
C ARG B 403 25.48 -9.09 3.30
N THR B 404 25.68 -7.80 3.57
CA THR B 404 26.57 -6.88 2.78
C THR B 404 28.04 -7.07 3.16
N ARG B 405 28.39 -6.98 4.46
CA ARG B 405 29.79 -7.04 4.96
C ARG B 405 30.11 -8.42 5.59
N LYS B 406 29.17 -9.39 5.53
CA LYS B 406 29.33 -10.81 5.98
C LYS B 406 29.92 -10.89 7.40
N SER B 407 29.66 -9.88 8.25
CA SER B 407 30.27 -9.68 9.59
C SER B 407 29.15 -9.49 10.62
N LYS B 408 29.46 -9.63 11.91
CA LYS B 408 28.53 -9.38 13.05
C LYS B 408 28.43 -7.87 13.26
N TRP B 409 27.36 -7.44 13.94
CA TRP B 409 27.10 -6.03 14.31
C TRP B 409 27.86 -5.71 15.60
N MET B 410 28.58 -4.58 15.65
CA MET B 410 29.32 -4.08 16.85
C MET B 410 28.66 -2.80 17.38
N LYS B 411 28.60 -2.64 18.71
CA LYS B 411 27.87 -1.55 19.41
C LYS B 411 28.45 -0.17 19.07
N GLY B 412 29.67 -0.09 18.51
CA GLY B 412 30.23 1.16 17.96
C GLY B 412 29.40 1.72 16.82
N GLU B 413 28.89 0.82 15.96
CA GLU B 413 28.16 1.16 14.72
C GLU B 413 26.82 1.82 15.09
N THR B 414 26.18 1.37 16.17
CA THR B 414 24.94 1.95 16.79
C THR B 414 25.15 3.44 17.07
N ILE B 415 26.32 3.81 17.61
CA ILE B 415 26.57 5.19 18.13
C ILE B 415 26.66 6.15 16.93
N SER B 416 27.33 5.74 15.84
CA SER B 416 27.42 6.50 14.56
C SER B 416 26.01 6.83 14.06
N VAL B 417 25.13 5.82 14.02
CA VAL B 417 23.73 5.90 13.50
C VAL B 417 22.89 6.82 14.39
N SER B 418 23.21 6.92 15.69
CA SER B 418 22.42 7.70 16.69
C SER B 418 22.40 9.20 16.35
N ILE B 419 23.44 9.72 15.70
CA ILE B 419 23.56 11.16 15.35
C ILE B 419 23.47 11.34 13.82
N GLY B 420 22.91 10.36 13.10
CA GLY B 420 22.64 10.46 11.66
C GLY B 420 23.89 10.37 10.82
N GLN B 421 24.84 9.53 11.25
CA GLN B 421 26.14 9.28 10.55
C GLN B 421 26.22 7.77 10.36
N GLY B 422 27.42 7.17 10.35
CA GLY B 422 27.59 5.74 10.03
C GLY B 422 27.15 5.47 8.61
N ALA B 423 26.48 4.35 8.36
CA ALA B 423 25.94 4.00 7.03
C ALA B 423 24.52 4.59 6.84
N PHE B 424 23.95 5.29 7.84
CA PHE B 424 22.60 5.90 7.75
C PHE B 424 22.59 6.94 6.63
N THR B 425 21.84 6.66 5.56
CA THR B 425 21.66 7.55 4.38
C THR B 425 20.15 7.68 4.18
N ALA B 426 19.69 8.86 3.76
CA ALA B 426 18.26 9.23 3.65
C ALA B 426 18.06 10.09 2.40
N THR B 427 16.96 9.88 1.68
CA THR B 427 16.53 10.80 0.60
C THR B 427 15.96 12.05 1.25
N PRO B 428 16.09 13.24 0.62
CA PRO B 428 15.34 14.43 1.02
C PRO B 428 13.82 14.21 1.13
N LEU B 429 13.31 13.30 0.29
CA LEU B 429 11.93 12.77 0.36
C LEU B 429 11.69 12.17 1.75
N GLN B 430 12.52 11.23 2.16
CA GLN B 430 12.43 10.54 3.48
C GLN B 430 12.51 11.59 4.60
N LEU B 431 13.44 12.55 4.50
CA LEU B 431 13.65 13.56 5.55
C LEU B 431 12.43 14.46 5.69
N ALA B 432 11.78 14.80 4.58
CA ALA B 432 10.55 15.62 4.58
C ALA B 432 9.40 14.83 5.20
N MET B 433 9.26 13.55 4.82
CA MET B 433 8.22 12.63 5.33
C MET B 433 8.31 12.55 6.86
N ALA B 434 9.50 12.19 7.37
CA ALA B 434 9.84 12.10 8.82
C ALA B 434 9.47 13.40 9.51
N THR B 435 9.76 14.54 8.88
CA THR B 435 9.47 15.88 9.45
C THR B 435 7.95 16.04 9.53
N ALA B 436 7.24 15.77 8.42
CA ALA B 436 5.77 15.85 8.35
C ALA B 436 5.15 14.97 9.44
N ILE B 437 5.68 13.76 9.65
CA ILE B 437 5.15 12.79 10.64
C ILE B 437 5.38 13.35 12.05
N THR B 438 6.55 13.93 12.32
CA THR B 438 6.85 14.62 13.62
C THR B 438 5.85 15.77 13.82
N ALA B 439 5.52 16.51 12.76
CA ALA B 439 4.69 17.73 12.81
C ALA B 439 3.22 17.37 13.07
N ASN B 440 2.73 16.28 12.46
CA ASN B 440 1.29 15.86 12.51
C ASN B 440 1.03 14.88 13.68
N HIS B 441 1.96 14.72 14.63
CA HIS B 441 1.88 13.89 15.86
C HIS B 441 1.72 12.40 15.49
N GLY B 442 2.53 11.91 14.54
CA GLY B 442 2.68 10.48 14.24
C GLY B 442 1.64 9.89 13.28
N SER B 443 0.97 10.68 12.44
CA SER B 443 0.09 10.16 11.35
C SER B 443 0.98 9.88 10.13
N HIS B 444 1.10 8.61 9.72
CA HIS B 444 1.95 8.19 8.58
C HIS B 444 1.32 8.71 7.28
N VAL B 445 2.11 9.43 6.48
CA VAL B 445 1.66 10.02 5.19
C VAL B 445 2.56 9.42 4.12
N VAL B 446 2.02 9.22 2.93
CA VAL B 446 2.78 8.70 1.75
C VAL B 446 3.07 9.91 0.86
N PRO B 447 4.34 10.34 0.72
CA PRO B 447 4.68 11.43 -0.20
C PRO B 447 4.09 11.15 -1.59
N HIS B 448 3.33 12.09 -2.14
CA HIS B 448 2.68 11.93 -3.46
C HIS B 448 2.58 13.28 -4.18
N VAL B 449 2.77 13.25 -5.49
CA VAL B 449 2.69 14.42 -6.42
C VAL B 449 1.30 14.51 -7.07
N LEU B 450 0.52 13.43 -7.21
CA LEU B 450 -0.78 13.52 -7.91
C LEU B 450 -1.88 13.98 -6.94
N ARG B 451 -2.55 15.09 -7.24
CA ARG B 451 -3.64 15.66 -6.41
C ARG B 451 -5.01 15.28 -6.99
N ALA B 452 -5.21 15.48 -8.28
CA ALA B 452 -6.47 15.17 -8.97
C ALA B 452 -6.17 14.67 -10.38
N THR B 453 -7.05 13.86 -10.94
CA THR B 453 -7.02 13.46 -12.36
C THR B 453 -8.41 13.66 -12.94
N HIS B 454 -8.53 14.46 -14.01
CA HIS B 454 -9.80 14.67 -14.77
C HIS B 454 -9.70 13.95 -16.12
N GLY B 455 -10.70 13.14 -16.45
CA GLY B 455 -10.73 12.32 -17.67
C GLY B 455 -11.70 11.16 -17.53
N ALA B 456 -11.62 10.21 -18.46
CA ALA B 456 -12.53 9.06 -18.54
C ALA B 456 -11.98 7.87 -17.76
N LYS B 457 -10.65 7.69 -17.70
CA LYS B 457 -10.06 6.51 -17.03
C LYS B 457 -10.32 6.64 -15.53
N PRO B 458 -10.97 5.65 -14.89
CA PRO B 458 -11.14 5.67 -13.44
C PRO B 458 -9.78 5.53 -12.73
N PHE B 459 -9.64 6.18 -11.59
CA PHE B 459 -8.38 6.19 -10.81
C PHE B 459 -8.70 6.57 -9.37
N THR B 460 -8.06 5.90 -8.40
CA THR B 460 -8.16 6.24 -6.96
C THR B 460 -6.96 7.11 -6.59
N VAL B 461 -7.21 8.30 -6.06
CA VAL B 461 -6.11 9.22 -5.63
C VAL B 461 -6.10 9.25 -4.11
N ARG B 462 -4.94 8.90 -3.52
CA ARG B 462 -4.62 9.11 -2.09
C ARG B 462 -4.67 10.62 -1.80
N ASN B 463 -5.35 11.01 -0.72
CA ASN B 463 -5.55 12.42 -0.29
C ASN B 463 -5.35 12.58 1.22
N ALA B 464 -4.96 11.54 1.97
CA ALA B 464 -5.04 11.51 3.45
C ALA B 464 -4.00 10.52 4.01
N PRO B 465 -3.67 10.60 5.32
CA PRO B 465 -2.69 9.67 5.91
C PRO B 465 -3.15 8.20 5.85
N ASP B 466 -2.22 7.26 5.76
CA ASP B 466 -2.53 5.81 5.65
C ASP B 466 -2.48 5.10 7.03
N GLY B 467 -2.31 5.82 8.15
CA GLY B 467 -2.26 5.19 9.49
C GLY B 467 -1.71 6.11 10.57
N LYS B 468 -1.70 5.64 11.82
CA LYS B 468 -1.18 6.32 13.03
C LYS B 468 -0.16 5.40 13.73
N ILE B 469 0.97 5.94 14.18
CA ILE B 469 1.98 5.18 14.97
C ILE B 469 1.38 4.99 16.37
N ASN B 470 1.25 3.75 16.85
CA ASN B 470 0.94 3.50 18.28
C ASN B 470 2.17 4.02 19.04
N PHE B 471 1.98 5.06 19.86
CA PHE B 471 3.08 5.72 20.59
C PHE B 471 2.73 5.72 22.08
N ASN B 472 3.61 5.17 22.90
CA ASN B 472 3.35 4.87 24.35
C ASN B 472 3.39 6.14 25.20
N GLY B 473 3.95 7.25 24.67
CA GLY B 473 3.81 8.59 25.28
C GLY B 473 2.43 9.16 25.02
N THR B 474 2.27 10.47 25.25
CA THR B 474 0.99 11.20 25.07
C THR B 474 1.14 12.17 23.90
N ASP B 475 0.04 12.83 23.53
CA ASP B 475 0.05 13.88 22.48
C ASP B 475 0.98 15.01 22.94
N GLU B 476 1.04 15.30 24.25
CA GLU B 476 1.89 16.35 24.86
C GLU B 476 3.37 16.12 24.49
N ASP B 477 3.83 14.88 24.38
CA ASP B 477 5.25 14.57 24.02
C ASP B 477 5.58 15.11 22.60
N TRP B 478 4.61 15.12 21.67
CA TRP B 478 4.78 15.74 20.33
C TRP B 478 4.78 17.27 20.46
N VAL B 479 3.91 17.82 21.31
CA VAL B 479 3.81 19.29 21.58
C VAL B 479 5.13 19.75 22.22
N LYS B 480 5.68 19.02 23.18
CA LYS B 480 6.97 19.37 23.83
C LYS B 480 8.10 19.39 22.80
N MET B 481 8.12 18.41 21.89
CA MET B 481 9.14 18.27 20.80
C MET B 481 9.00 19.41 19.79
N ARG B 482 7.77 19.87 19.55
CA ARG B 482 7.52 21.06 18.70
C ARG B 482 8.19 22.28 19.34
N GLU B 483 7.94 22.51 20.63
CA GLU B 483 8.47 23.67 21.39
C GLU B 483 10.00 23.61 21.40
N ALA B 484 10.59 22.43 21.59
CA ALA B 484 12.06 22.21 21.48
C ALA B 484 12.54 22.66 20.10
N MET B 485 11.86 22.20 19.06
CA MET B 485 12.23 22.49 17.64
C MET B 485 11.94 23.96 17.29
N ILE B 486 10.90 24.58 17.86
CA ILE B 486 10.70 26.06 17.78
C ILE B 486 11.92 26.75 18.39
N ASP B 487 12.40 26.26 19.53
CA ASP B 487 13.53 26.89 20.27
C ASP B 487 14.85 26.65 19.52
N VAL B 488 14.97 25.63 18.67
CA VAL B 488 16.12 25.51 17.74
C VAL B 488 16.16 26.79 16.89
N ILE B 489 15.02 27.19 16.35
CA ILE B 489 14.88 28.43 15.50
C ILE B 489 15.03 29.65 16.41
N GLN B 490 14.27 29.72 17.50
CA GLN B 490 14.12 30.95 18.32
C GLN B 490 15.45 31.29 18.99
N SER B 491 16.11 30.33 19.65
CA SER B 491 17.27 30.56 20.54
C SER B 491 18.31 29.43 20.42
N GLY B 492 18.51 28.83 19.22
CA GLY B 492 19.37 27.65 19.05
C GLY B 492 20.27 27.70 17.82
N THR B 493 20.44 26.56 17.15
CA THR B 493 21.39 26.32 16.01
C THR B 493 20.84 26.95 14.72
N GLY B 494 19.53 27.19 14.61
CA GLY B 494 18.87 27.72 13.40
C GLY B 494 18.40 29.16 13.58
N ARG B 495 19.05 29.93 14.45
CA ARG B 495 18.82 31.41 14.54
C ARG B 495 19.40 32.02 13.25
N GLY B 496 18.74 33.05 12.71
CA GLY B 496 19.07 33.63 11.39
C GLY B 496 17.92 33.49 10.41
N ILE B 497 17.00 32.54 10.64
CA ILE B 497 15.78 32.30 9.80
C ILE B 497 14.53 32.53 10.64
N ARG B 498 14.66 33.25 11.76
CA ARG B 498 13.55 33.44 12.74
C ARG B 498 12.70 34.58 12.20
N THR B 499 11.39 34.50 12.41
CA THR B 499 10.41 35.46 11.84
C THR B 499 9.39 35.78 12.92
N PRO B 500 8.81 37.00 12.94
CA PRO B 500 7.89 37.38 14.00
C PRO B 500 6.41 37.13 13.69
N LEU B 501 6.07 36.68 12.47
CA LEU B 501 4.67 36.59 11.97
C LEU B 501 4.14 35.15 12.07
N TYR B 502 5.04 34.16 12.06
CA TYR B 502 4.68 32.73 12.22
C TYR B 502 5.85 32.03 12.91
N GLN B 503 5.53 30.89 13.54
CA GLN B 503 6.49 30.08 14.32
C GLN B 503 7.02 28.97 13.42
N ILE B 504 8.33 28.79 13.36
CA ILE B 504 8.98 27.70 12.58
C ILE B 504 9.57 26.75 13.60
N ALA B 505 9.20 25.48 13.56
CA ALA B 505 9.90 24.37 14.22
C ALA B 505 10.95 23.85 13.25
N GLY B 506 12.18 23.57 13.70
CA GLY B 506 13.23 23.07 12.79
C GLY B 506 14.38 22.41 13.52
N LYS B 507 15.30 21.82 12.74
CA LYS B 507 16.50 21.11 13.21
C LYS B 507 17.52 21.13 12.09
N THR B 508 18.74 21.52 12.42
CA THR B 508 19.89 21.64 11.50
C THR B 508 20.75 20.39 11.61
N GLY B 509 21.65 20.22 10.66
CA GLY B 509 22.57 19.07 10.58
C GLY B 509 23.56 19.28 9.46
N THR B 510 24.70 18.59 9.52
CA THR B 510 25.77 18.68 8.50
C THR B 510 26.14 17.25 8.13
N ALA B 511 26.95 17.06 7.11
CA ALA B 511 27.34 15.71 6.63
C ALA B 511 28.64 15.83 5.82
N GLN B 512 29.59 14.92 6.05
CA GLN B 512 30.95 15.01 5.46
C GLN B 512 30.96 14.27 4.13
N VAL B 513 31.70 14.79 3.16
CA VAL B 513 31.88 14.19 1.80
C VAL B 513 32.93 13.06 1.94
N SER B 528 39.01 23.63 -2.93
CA SER B 528 37.87 23.13 -3.75
C SER B 528 36.58 23.16 -2.90
N GLU B 529 35.55 23.92 -3.33
CA GLU B 529 34.20 24.00 -2.70
C GLU B 529 33.60 22.59 -2.53
N ARG B 530 33.71 21.75 -3.58
CA ARG B 530 33.10 20.38 -3.65
C ARG B 530 33.48 19.48 -2.46
N GLN B 531 34.60 19.75 -1.76
CA GLN B 531 35.05 18.96 -0.58
C GLN B 531 34.38 19.44 0.72
N LEU B 532 33.66 20.57 0.71
CA LEU B 532 33.01 21.12 1.92
C LEU B 532 31.86 20.21 2.38
N ASP B 533 31.52 20.31 3.66
CA ASP B 533 30.38 19.60 4.31
C ASP B 533 29.06 20.06 3.67
N HIS B 534 28.08 19.15 3.55
CA HIS B 534 26.69 19.48 3.16
C HIS B 534 25.98 20.08 4.38
N GLY B 535 25.16 21.11 4.17
CA GLY B 535 24.21 21.61 5.17
C GLY B 535 22.84 20.97 4.95
N LEU B 536 22.18 20.54 6.03
CA LEU B 536 20.81 19.98 6.04
C LEU B 536 19.93 20.78 7.00
N PHE B 537 18.66 21.00 6.63
CA PHE B 537 17.63 21.58 7.52
C PHE B 537 16.32 20.85 7.27
N VAL B 538 15.66 20.44 8.35
CA VAL B 538 14.26 19.96 8.33
C VAL B 538 13.46 20.90 9.23
N GLY B 539 12.22 21.17 8.90
CA GLY B 539 11.37 22.02 9.76
C GLY B 539 9.96 22.08 9.24
N PHE B 540 9.09 22.80 9.94
CA PHE B 540 7.66 22.92 9.58
C PHE B 540 7.03 24.15 10.20
N ALA B 541 5.93 24.62 9.61
CA ALA B 541 5.31 25.91 9.93
C ALA B 541 3.88 25.95 9.38
N PRO B 542 2.95 26.75 9.96
CA PRO B 542 3.13 27.36 11.27
C PRO B 542 3.13 26.22 12.30
N ALA B 543 4.08 26.23 13.24
CA ALA B 543 4.41 25.11 14.15
C ALA B 543 3.16 24.54 14.85
N ASP B 544 2.23 25.39 15.29
CA ASP B 544 1.04 25.00 16.10
C ASP B 544 0.02 24.22 15.27
N LYS B 545 -0.31 24.68 14.06
CA LYS B 545 -1.16 23.97 13.06
C LYS B 545 -0.34 23.76 11.78
N PRO B 546 0.60 22.79 11.70
CA PRO B 546 1.47 22.64 10.53
C PRO B 546 0.73 22.52 9.18
N GLU B 547 1.15 23.34 8.22
CA GLU B 547 0.68 23.39 6.81
C GLU B 547 1.76 22.86 5.84
N ILE B 548 3.04 22.95 6.22
CA ILE B 548 4.17 22.66 5.30
C ILE B 548 5.37 22.21 6.13
N ALA B 549 5.99 21.10 5.75
CA ALA B 549 7.27 20.61 6.27
C ALA B 549 8.28 20.67 5.14
N ILE B 550 9.51 21.12 5.39
CA ILE B 550 10.55 21.27 4.35
C ILE B 550 11.75 20.43 4.77
N ALA B 551 12.41 19.81 3.81
CA ALA B 551 13.78 19.29 3.92
C ALA B 551 14.65 20.02 2.90
N VAL B 552 15.75 20.65 3.34
CA VAL B 552 16.80 21.25 2.47
C VAL B 552 18.08 20.44 2.65
N ILE B 553 18.67 20.01 1.54
CA ILE B 553 20.07 19.55 1.47
C ILE B 553 20.75 20.56 0.55
N TRP B 554 21.61 21.41 1.11
CA TRP B 554 22.54 22.26 0.34
C TRP B 554 23.86 21.50 0.25
N GLU B 555 24.18 20.92 -0.91
CA GLU B 555 25.49 20.22 -1.08
C GLU B 555 26.60 21.26 -0.98
N ASN B 556 27.59 21.02 -0.12
CA ASN B 556 28.77 21.89 0.10
C ASN B 556 28.33 23.25 0.67
N GLY B 557 27.19 23.28 1.38
CA GLY B 557 26.63 24.47 2.02
C GLY B 557 27.18 24.67 3.41
N ARG B 558 28.04 23.74 3.90
CA ARG B 558 28.97 23.90 5.05
C ARG B 558 28.22 23.79 6.39
N HIS B 559 27.11 24.53 6.58
CA HIS B 559 26.35 24.64 7.86
C HIS B 559 24.84 24.44 7.60
N GLY B 560 24.17 23.71 8.50
CA GLY B 560 22.71 23.52 8.48
C GLY B 560 21.98 24.84 8.61
N GLY B 561 22.56 25.80 9.35
CA GLY B 561 22.03 27.17 9.43
C GLY B 561 21.91 27.79 8.05
N SER B 562 22.84 27.45 7.13
CA SER B 562 22.84 27.91 5.71
C SER B 562 21.61 27.31 4.99
N ALA B 563 21.46 25.98 5.10
CA ALA B 563 20.33 25.21 4.54
C ALA B 563 19.02 25.78 5.07
N ALA B 564 18.96 26.14 6.35
CA ALA B 564 17.79 26.81 6.95
C ALA B 564 17.47 28.11 6.20
N GLN B 565 18.50 28.87 5.81
CA GLN B 565 18.34 30.17 5.09
C GLN B 565 17.53 29.92 3.82
N LEU B 566 17.77 28.80 3.14
CA LEU B 566 17.08 28.46 1.87
C LEU B 566 15.60 28.12 2.12
N ALA B 567 15.20 27.74 3.32
CA ALA B 567 13.82 27.32 3.63
C ALA B 567 12.93 28.51 4.02
N LYS B 568 13.46 29.56 4.64
CA LYS B 568 12.61 30.68 5.15
C LYS B 568 11.86 31.37 3.99
N PRO B 569 12.49 31.63 2.83
CA PRO B 569 11.80 32.15 1.64
C PRO B 569 10.63 31.25 1.18
N VAL B 570 10.84 29.94 1.25
CA VAL B 570 9.87 28.91 0.80
C VAL B 570 8.71 28.93 1.79
N PHE B 571 9.02 28.90 3.09
CA PHE B 571 8.03 29.05 4.19
C PHE B 571 7.26 30.37 4.01
N ASP B 572 8.00 31.47 3.80
CA ASP B 572 7.41 32.83 3.67
C ASP B 572 6.48 32.85 2.45
N TYR B 573 6.90 32.28 1.31
CA TYR B 573 6.09 32.30 0.07
C TYR B 573 4.74 31.64 0.38
N TRP B 574 4.79 30.44 0.98
CA TRP B 574 3.62 29.59 1.27
C TRP B 574 2.66 30.25 2.26
N LEU B 575 3.17 30.87 3.33
CA LEU B 575 2.31 31.31 4.46
C LEU B 575 1.97 32.81 4.42
N LEU B 576 2.78 33.66 3.76
CA LEU B 576 2.56 35.13 3.70
C LEU B 576 2.14 35.56 2.29
N THR B 577 3.02 35.35 1.30
CA THR B 577 2.92 35.92 -0.07
C THR B 577 1.67 35.37 -0.79
N ARG B 578 1.58 34.05 -0.98
CA ARG B 578 0.70 33.37 -1.97
C ARG B 578 -0.78 33.81 -1.85
N LYS B 579 -1.25 34.24 -0.68
CA LYS B 579 -2.66 34.70 -0.47
C LYS B 579 -2.89 36.05 -1.19
N LYS B 580 -1.93 36.99 -1.10
CA LYS B 580 -2.04 38.36 -1.67
C LYS B 580 -1.48 38.39 -3.09
N ASN B 581 -0.17 38.12 -3.26
CA ASN B 581 0.60 38.25 -4.52
C ASN B 581 1.17 36.90 -4.95
N PRO B 582 0.36 35.94 -5.45
CA PRO B 582 0.87 34.65 -5.91
C PRO B 582 1.74 34.81 -7.16
N ILE B 583 2.91 34.17 -7.17
CA ILE B 583 3.82 34.08 -8.35
C ILE B 583 3.06 33.30 -9.43
N ARG B 584 2.83 33.93 -10.58
CA ARG B 584 2.19 33.30 -11.77
C ARG B 584 3.14 33.50 -12.96
N PRO B 585 3.01 32.74 -14.07
CA PRO B 585 3.99 32.82 -15.15
C PRO B 585 3.99 34.13 -15.98
ZN ZN C . -34.79 -7.78 -18.09
ZN ZN D . 26.60 17.93 24.27
#